data_6DNZ
#
_entry.id   6DNZ
#
_cell.length_a   196.582
_cell.length_b   65.904
_cell.length_c   141.028
_cell.angle_alpha   90.00
_cell.angle_beta   106.90
_cell.angle_gamma   90.00
#
_symmetry.space_group_name_H-M   'C 1 2 1'
#
loop_
_entity.id
_entity.type
_entity.pdbx_description
1 polymer 'Arginine N-methyltransferase, putative'
2 polymer 'Arginine N-methyltransferase, putative'
3 non-polymer S-ADENOSYL-L-HOMOCYSTEINE
4 non-polymer 2-AMINO-2-HYDROXYMETHYL-PROPANE-1,3-DIOL
5 non-polymer GLYCEROL
6 water water
#
loop_
_entity_poly.entity_id
_entity_poly.type
_entity_poly.pdbx_seq_one_letter_code
_entity_poly.pdbx_strand_id
1 'polypeptide(L)'
;(MSE)TVDANAASSTTTTTDYYFDSYSHYGIH(MSE)E(MSE)LKDCHRTTSYRDA(MSE)WRNAYLFKDKVVLDVGCGT
GILS(MSE)FAAKAGARKVIGVDCSTVAVQAREIVKDNGFEDVITIIQGKVEEIQLDEKVDIIISEW(MSE)GYFLLYES
(MSE)LNTVLCARDNLGTPDVK(MSE)FPDKAN(MSE)HVCGITDEQYIQERFNIWDNVQGIDFSYFKRLSFIEPLVDTV
ERSQIVTNVAPLVSFDINTVKEADLSFTSEFALEAQASRGKRNGGNSIIYVHALSVHFDTPFTAGHEVVILDTTPYSPPT
HWRQTVLYLFNPLR(MSE)RAGERATFR(MSE)KCSPNALNGRDLDISLHVDFEGALQISHYDQDFRLR
;
A,C
2 'polypeptide(L)'
;(MSE)G(MSE)SPKKNSASRPSNNGGGGKTGGGNGNVSHRTDNEQSGNNLSERIIANESLLATESERHATSKSLYGDCTA
RISGNLSCIHDRVRLRAYESVLRSIKGKSVLHLGCG(MSE)GLVS(MSE)IAARSLASAVVAVDRSAIVDAAQVVANKNG
LNNISFFRGALVDVVQNFPVRQFDVIICEW(MSE)GPFLINDPLLEEALYARNNLLASNGV(MSE)CPDSSSIHVVGVSD
YCFH(MSE)DTVEFWGNVYGFK(MSE)EP(MSE)KALVQREVE(MSE)CRVPTSSIVTTTCLAHTVNIASINNLDDKSSL
NDFVVPFSVRATKDTTVNFLTFYIDARFTNPHDPGANFVLGVRPGGTNPWTETSVALHEPLPLKGGEVLSGELKVCLLNP
TRGITTVEVTARTSGNVVNIETKGTYNYQRY
;
B,D
#
# COMPACT_ATOMS: atom_id res chain seq x y z
N ASP A 20 -15.66 -2.87 26.36
CA ASP A 20 -14.62 -3.84 26.68
C ASP A 20 -14.40 -4.82 25.54
N SER A 21 -15.21 -4.70 24.49
CA SER A 21 -15.00 -5.49 23.28
C SER A 21 -13.71 -5.15 22.56
N TYR A 22 -13.02 -4.09 22.99
CA TYR A 22 -11.73 -3.73 22.40
C TYR A 22 -10.61 -4.67 22.82
N SER A 23 -10.86 -5.59 23.75
CA SER A 23 -9.88 -6.61 24.09
C SER A 23 -9.68 -7.62 22.97
N HIS A 24 -10.54 -7.59 21.94
CA HIS A 24 -10.44 -8.47 20.79
C HIS A 24 -9.71 -7.74 19.66
N TYR A 25 -9.01 -8.51 18.83
CA TYR A 25 -8.13 -7.91 17.83
C TYR A 25 -8.89 -7.34 16.63
N GLY A 26 -10.10 -7.81 16.36
CA GLY A 26 -10.79 -7.40 15.15
C GLY A 26 -10.97 -5.90 15.03
N ILE A 27 -11.43 -5.26 16.12
CA ILE A 27 -11.75 -3.83 16.06
C ILE A 27 -10.48 -3.01 15.87
N HIS A 28 -9.40 -3.38 16.55
CA HIS A 28 -8.16 -2.63 16.43
C HIS A 28 -7.56 -2.76 15.04
N GLU A 30 -9.30 -3.25 12.31
CA GLU A 30 -10.15 -2.45 11.44
C GLU A 30 -9.76 -0.98 11.50
N LEU A 32 -6.83 0.30 12.48
CA LEU A 32 -5.47 0.51 11.99
C LEU A 32 -5.38 0.35 10.48
N LYS A 33 -6.20 -0.51 9.91
CA LYS A 33 -6.29 -0.60 8.46
C LYS A 33 -7.12 0.52 7.85
N ASP A 34 -7.71 1.38 8.68
CA ASP A 34 -8.34 2.61 8.22
C ASP A 34 -7.22 3.62 7.98
N CYS A 35 -6.67 3.59 6.76
CA CYS A 35 -5.46 4.35 6.48
C CYS A 35 -5.68 5.85 6.67
N HIS A 36 -6.81 6.38 6.18
CA HIS A 36 -7.06 7.81 6.30
C HIS A 36 -7.11 8.23 7.76
N ARG A 37 -7.82 7.47 8.59
CA ARG A 37 -7.94 7.81 10.00
C ARG A 37 -6.56 7.87 10.66
N THR A 38 -5.81 6.76 10.60
CA THR A 38 -4.55 6.69 11.32
C THR A 38 -3.53 7.65 10.75
N THR A 39 -3.45 7.77 9.42
CA THR A 39 -2.50 8.70 8.84
C THR A 39 -2.90 10.15 9.12
N SER A 40 -4.20 10.42 9.26
CA SER A 40 -4.62 11.77 9.63
C SER A 40 -4.04 12.17 10.98
N TYR A 41 -4.15 11.28 11.97
CA TYR A 41 -3.56 11.55 13.28
C TYR A 41 -2.04 11.65 13.16
N ARG A 42 -1.43 10.67 12.50
CA ARG A 42 0.02 10.69 12.30
C ARG A 42 0.48 12.02 11.71
N ASP A 43 -0.06 12.36 10.53
CA ASP A 43 0.39 13.56 9.84
C ASP A 43 0.02 14.83 10.60
N ALA A 44 -1.09 14.80 11.34
CA ALA A 44 -1.43 15.94 12.19
C ALA A 44 -0.32 16.22 13.19
N TRP A 46 2.96 14.81 12.93
CA TRP A 46 4.29 14.82 12.31
C TRP A 46 4.52 16.04 11.44
N ARG A 47 3.47 16.57 10.81
CA ARG A 47 3.60 17.85 10.12
C ARG A 47 3.63 19.03 11.07
N ASN A 48 3.35 18.80 12.35
CA ASN A 48 3.43 19.82 13.39
C ASN A 48 4.26 19.31 14.56
N ALA A 49 5.34 18.58 14.25
CA ALA A 49 6.15 17.98 15.29
C ALA A 49 6.66 19.02 16.28
N TYR A 50 6.91 20.25 15.82
CA TYR A 50 7.36 21.31 16.72
C TYR A 50 6.40 21.49 17.89
N LEU A 51 5.13 21.14 17.69
CA LEU A 51 4.14 21.29 18.74
C LEU A 51 4.32 20.29 19.87
N PHE A 52 5.07 19.22 19.64
CA PHE A 52 5.20 18.13 20.60
C PHE A 52 6.51 18.13 21.37
N LYS A 53 7.50 18.91 20.95
CA LYS A 53 8.81 18.87 21.59
C LYS A 53 8.68 19.26 23.06
N ASP A 54 9.17 18.39 23.94
CA ASP A 54 9.20 18.65 25.38
C ASP A 54 7.81 18.72 25.99
N LYS A 55 6.82 18.09 25.38
CA LYS A 55 5.43 18.18 25.80
C LYS A 55 4.95 16.86 26.38
N VAL A 56 3.90 16.95 27.19
CA VAL A 56 3.25 15.78 27.78
C VAL A 56 1.98 15.51 26.99
N VAL A 57 1.85 14.28 26.48
CA VAL A 57 0.74 13.89 25.64
C VAL A 57 -0.08 12.83 26.36
N LEU A 58 -1.40 12.98 26.31
CA LEU A 58 -2.33 11.99 26.85
C LEU A 58 -3.09 11.37 25.68
N ASP A 59 -2.91 10.07 25.49
CA ASP A 59 -3.67 9.32 24.48
C ASP A 59 -4.89 8.72 25.19
N VAL A 60 -6.01 9.40 25.09
CA VAL A 60 -7.25 8.95 25.73
C VAL A 60 -7.80 7.79 24.90
N GLY A 61 -7.75 6.59 25.45
CA GLY A 61 -8.14 5.40 24.74
C GLY A 61 -7.05 4.96 23.76
N CYS A 62 -5.90 4.56 24.30
CA CYS A 62 -4.74 4.31 23.47
C CYS A 62 -4.87 3.03 22.64
N GLY A 63 -5.74 2.11 23.03
CA GLY A 63 -5.89 0.89 22.25
C GLY A 63 -4.56 0.16 22.15
N THR A 64 -4.15 -0.13 20.91
CA THR A 64 -2.88 -0.81 20.68
C THR A 64 -1.67 0.09 20.96
N GLY A 65 -1.89 1.37 21.23
CA GLY A 65 -0.81 2.31 21.46
C GLY A 65 -0.38 3.09 20.24
N ILE A 66 -1.03 2.90 19.09
CA ILE A 66 -0.55 3.47 17.83
C ILE A 66 -0.37 4.99 17.96
N LEU A 67 -1.38 5.68 18.48
CA LEU A 67 -1.30 7.14 18.54
C LEU A 67 -0.26 7.60 19.55
N SER A 68 -0.10 6.86 20.65
CA SER A 68 0.95 7.19 21.60
C SER A 68 2.32 7.16 20.94
N PHE A 70 2.94 7.52 17.59
CA PHE A 70 3.00 8.69 16.73
C PHE A 70 3.43 9.92 17.52
N ALA A 71 2.86 10.11 18.70
CA ALA A 71 3.21 11.27 19.53
C ALA A 71 4.65 11.18 20.00
N ALA A 72 5.08 10.01 20.46
CA ALA A 72 6.47 9.83 20.87
C ALA A 72 7.41 10.11 19.70
N LYS A 73 7.11 9.54 18.54
CA LYS A 73 7.95 9.75 17.36
C LYS A 73 7.92 11.20 16.91
N ALA A 74 6.89 11.95 17.25
CA ALA A 74 6.84 13.37 16.94
C ALA A 74 7.73 14.21 17.84
N GLY A 75 8.27 13.63 18.90
CA GLY A 75 9.15 14.33 19.81
C GLY A 75 8.60 14.59 21.20
N ALA A 76 7.52 13.91 21.59
CA ALA A 76 6.95 14.13 22.91
C ALA A 76 7.91 13.68 24.00
N ARG A 77 7.97 14.44 25.09
CA ARG A 77 8.78 14.06 26.23
C ARG A 77 8.15 12.90 26.99
N LYS A 78 6.84 12.94 27.19
CA LYS A 78 6.13 11.93 27.95
C LYS A 78 4.77 11.70 27.32
N VAL A 79 4.41 10.45 27.09
CA VAL A 79 3.12 10.06 26.54
C VAL A 79 2.45 9.12 27.53
N ILE A 80 1.15 9.34 27.76
CA ILE A 80 0.37 8.54 28.68
C ILE A 80 -0.80 7.97 27.90
N GLY A 81 -0.71 6.71 27.51
CA GLY A 81 -1.82 6.02 26.89
C GLY A 81 -2.69 5.35 27.92
N VAL A 82 -3.96 5.72 27.98
CA VAL A 82 -4.90 5.14 28.93
C VAL A 82 -5.94 4.36 28.15
N ASP A 83 -6.31 3.20 28.66
CA ASP A 83 -7.33 2.38 28.01
C ASP A 83 -7.89 1.41 29.03
N CYS A 84 -9.21 1.43 29.21
CA CYS A 84 -9.87 0.59 30.22
C CYS A 84 -10.07 -0.83 29.74
N SER A 85 -9.48 -1.22 28.61
CA SER A 85 -9.61 -2.58 28.09
C SER A 85 -8.32 -3.37 28.34
N THR A 86 -8.45 -4.70 28.26
CA THR A 86 -7.28 -5.56 28.45
C THR A 86 -6.25 -5.36 27.36
N VAL A 87 -6.63 -4.74 26.23
CA VAL A 87 -5.67 -4.46 25.17
C VAL A 87 -4.52 -3.60 25.69
N ALA A 88 -4.75 -2.86 26.78
CA ALA A 88 -3.66 -2.13 27.42
C ALA A 88 -2.44 -3.02 27.66
N VAL A 89 -2.68 -4.27 28.04
CA VAL A 89 -1.58 -5.21 28.27
C VAL A 89 -0.75 -5.35 27.00
N GLN A 90 -1.41 -5.70 25.89
CA GLN A 90 -0.71 -5.80 24.62
C GLN A 90 -0.06 -4.48 24.23
N ALA A 91 -0.77 -3.37 24.45
CA ALA A 91 -0.21 -2.06 24.13
C ALA A 91 1.09 -1.83 24.88
N ARG A 92 1.09 -2.10 26.19
CA ARG A 92 2.31 -1.93 26.98
C ARG A 92 3.45 -2.76 26.40
N GLU A 93 3.14 -3.96 25.89
CA GLU A 93 4.17 -4.78 25.28
C GLU A 93 4.61 -4.21 23.93
N ILE A 94 3.66 -3.76 23.13
CA ILE A 94 4.00 -3.15 21.84
C ILE A 94 4.89 -1.93 22.05
N VAL A 95 4.49 -1.05 22.97
CA VAL A 95 5.30 0.11 23.30
C VAL A 95 6.74 -0.30 23.60
N LYS A 96 6.90 -1.41 24.34
CA LYS A 96 8.24 -1.87 24.71
C LYS A 96 8.98 -2.42 23.50
N ASP A 97 8.28 -3.10 22.60
CA ASP A 97 8.93 -3.76 21.48
C ASP A 97 9.55 -2.76 20.50
N ASN A 98 9.11 -1.51 20.50
CA ASN A 98 9.62 -0.49 19.59
C ASN A 98 10.49 0.54 20.30
N GLY A 99 10.81 0.34 21.57
CA GLY A 99 11.76 1.19 22.26
C GLY A 99 11.19 2.41 22.94
N PHE A 100 9.86 2.57 22.97
CA PHE A 100 9.23 3.70 23.63
C PHE A 100 8.91 3.43 25.09
N GLU A 101 9.56 2.43 25.70
CA GLU A 101 9.22 2.05 27.07
C GLU A 101 9.37 3.22 28.02
N ASP A 102 10.39 4.06 27.81
CA ASP A 102 10.68 5.16 28.72
C ASP A 102 10.04 6.48 28.30
N VAL A 103 9.19 6.46 27.27
CA VAL A 103 8.47 7.65 26.84
C VAL A 103 6.96 7.47 26.96
N ILE A 104 6.46 6.26 26.64
CA ILE A 104 5.04 5.98 26.68
C ILE A 104 4.76 5.12 27.91
N THR A 105 3.77 5.54 28.70
CA THR A 105 3.25 4.77 29.81
C THR A 105 1.83 4.37 29.49
N ILE A 106 1.50 3.09 29.70
CA ILE A 106 0.19 2.56 29.38
C ILE A 106 -0.53 2.24 30.68
N ILE A 107 -1.63 2.94 30.91
CA ILE A 107 -2.46 2.75 32.10
C ILE A 107 -3.72 2.00 31.69
N GLN A 108 -4.08 0.96 32.46
CA GLN A 108 -5.30 0.21 32.23
C GLN A 108 -6.34 0.73 33.22
N GLY A 109 -7.33 1.45 32.71
CA GLY A 109 -8.35 2.03 33.53
C GLY A 109 -9.10 3.11 32.78
N LYS A 110 -10.16 3.59 33.42
CA LYS A 110 -10.97 4.66 32.84
C LYS A 110 -10.30 6.00 33.04
N VAL A 111 -10.30 6.83 32.00
CA VAL A 111 -9.66 8.15 32.10
C VAL A 111 -10.32 8.99 33.18
N GLU A 112 -11.61 8.74 33.45
CA GLU A 112 -12.30 9.50 34.49
C GLU A 112 -11.83 9.11 35.88
N GLU A 113 -11.35 7.87 36.04
CA GLU A 113 -11.01 7.31 37.34
C GLU A 113 -9.51 7.17 37.53
N ILE A 114 -8.71 7.98 36.84
CA ILE A 114 -7.26 7.94 36.96
C ILE A 114 -6.75 9.34 37.24
N GLN A 115 -5.59 9.41 37.89
CA GLN A 115 -4.95 10.66 38.26
C GLN A 115 -3.50 10.63 37.80
N LEU A 116 -3.02 11.77 37.31
CA LEU A 116 -1.69 11.88 36.75
C LEU A 116 -0.86 12.85 37.56
N ASP A 117 0.47 12.72 37.42
CA ASP A 117 1.38 13.62 38.12
C ASP A 117 1.24 15.05 37.61
N GLU A 118 1.52 15.27 36.33
CA GLU A 118 1.48 16.58 35.71
C GLU A 118 0.19 16.76 34.93
N LYS A 119 -0.11 18.02 34.61
CA LYS A 119 -1.14 18.32 33.62
C LYS A 119 -0.56 18.12 32.23
N VAL A 120 -1.36 17.56 31.34
CA VAL A 120 -0.90 17.18 30.02
C VAL A 120 -1.06 18.36 29.07
N ASP A 121 -0.07 18.55 28.20
CA ASP A 121 -0.07 19.69 27.27
C ASP A 121 -0.88 19.41 26.02
N ILE A 122 -0.92 18.14 25.57
CA ILE A 122 -1.63 17.75 24.37
C ILE A 122 -2.47 16.52 24.69
N ILE A 123 -3.67 16.49 24.15
CA ILE A 123 -4.56 15.33 24.29
C ILE A 123 -4.90 14.84 22.90
N ILE A 124 -4.46 13.62 22.58
CA ILE A 124 -4.78 12.95 21.33
C ILE A 124 -5.82 11.88 21.64
N SER A 125 -6.78 11.69 20.74
CA SER A 125 -7.80 10.68 20.96
C SER A 125 -8.63 10.50 19.70
N GLU A 126 -8.92 9.23 19.38
CA GLU A 126 -9.93 8.92 18.37
C GLU A 126 -11.21 8.58 19.13
N TRP A 127 -11.90 9.64 19.56
CA TRP A 127 -13.14 9.54 20.31
C TRP A 127 -14.37 9.47 19.44
N GLY A 129 -17.41 8.55 17.19
CA GLY A 129 -18.23 7.40 16.87
C GLY A 129 -19.03 7.66 15.60
N TYR A 130 -19.83 6.66 15.25
CA TYR A 130 -20.80 6.85 14.18
C TYR A 130 -21.66 8.05 14.52
N PHE A 131 -21.96 8.87 13.53
CA PHE A 131 -22.67 10.13 13.75
C PHE A 131 -21.86 11.08 14.62
N LEU A 132 -20.57 10.79 14.80
CA LEU A 132 -19.63 11.61 15.57
C LEU A 132 -19.84 11.49 17.07
N LEU A 133 -21.07 11.24 17.52
CA LEU A 133 -21.37 11.29 18.94
C LEU A 133 -22.01 10.02 19.50
N TYR A 134 -22.36 9.06 18.66
CA TYR A 134 -22.96 7.82 19.15
C TYR A 134 -21.87 6.95 19.76
N GLU A 135 -22.05 6.58 21.03
CA GLU A 135 -21.06 5.76 21.73
C GLU A 135 -19.67 6.37 21.63
N SER A 136 -19.62 7.69 21.52
CA SER A 136 -18.35 8.39 21.43
C SER A 136 -17.77 8.63 22.82
N LEU A 138 -16.39 11.39 23.62
CA LEU A 138 -16.20 12.83 23.71
C LEU A 138 -16.34 13.31 25.15
N ASN A 139 -17.36 12.82 25.87
CA ASN A 139 -17.49 13.18 27.28
C ASN A 139 -16.22 12.83 28.04
N THR A 140 -15.59 11.70 27.72
CA THR A 140 -14.34 11.33 28.38
C THR A 140 -13.22 12.29 27.99
N VAL A 141 -13.14 12.66 26.72
CA VAL A 141 -12.09 13.57 26.28
C VAL A 141 -12.27 14.94 26.93
N LEU A 142 -13.51 15.43 27.03
CA LEU A 142 -13.76 16.70 27.70
C LEU A 142 -13.43 16.60 29.17
N CYS A 143 -13.78 15.47 29.81
CA CYS A 143 -13.37 15.25 31.19
C CYS A 143 -11.86 15.34 31.33
N ALA A 144 -11.13 14.68 30.43
CA ALA A 144 -9.67 14.74 30.47
C ALA A 144 -9.18 16.16 30.23
N ARG A 145 -9.76 16.85 29.24
CA ARG A 145 -9.38 18.24 28.97
C ARG A 145 -9.50 19.11 30.21
N ASP A 146 -10.62 19.00 30.92
CA ASP A 146 -10.88 19.88 32.05
C ASP A 146 -10.04 19.48 33.26
N ASN A 147 -10.05 18.19 33.61
CA ASN A 147 -9.42 17.75 34.85
C ASN A 147 -7.96 17.38 34.70
N LEU A 148 -7.53 16.91 33.52
CA LEU A 148 -6.16 16.47 33.33
C LEU A 148 -5.32 17.40 32.49
N GLY A 149 -5.94 18.28 31.70
CA GLY A 149 -5.21 19.11 30.76
C GLY A 149 -4.89 20.49 31.30
N THR A 150 -3.80 21.06 30.81
CA THR A 150 -3.47 22.44 31.12
C THR A 150 -4.61 23.36 30.63
N PRO A 151 -4.63 24.60 31.10
CA PRO A 151 -5.69 25.51 30.62
C PRO A 151 -5.64 25.74 29.12
N ASP A 152 -4.44 25.69 28.52
CA ASP A 152 -4.29 25.85 27.08
C ASP A 152 -3.97 24.52 26.40
N VAL A 153 -4.39 23.42 27.01
CA VAL A 153 -4.12 22.10 26.44
C VAL A 153 -4.63 22.05 25.01
N LYS A 154 -3.82 21.47 24.12
CA LYS A 154 -4.14 21.41 22.70
C LYS A 154 -4.80 20.07 22.39
N PHE A 156 -6.15 17.11 19.82
CA PHE A 156 -5.94 16.44 18.53
C PHE A 156 -7.02 15.38 18.37
N PRO A 157 -8.07 15.63 17.58
CA PRO A 157 -8.39 16.88 16.88
C PRO A 157 -9.00 17.93 17.81
N ASP A 158 -8.95 19.20 17.42
CA ASP A 158 -9.50 20.29 18.21
C ASP A 158 -10.79 20.84 17.63
N LYS A 159 -11.22 20.34 16.47
CA LYS A 159 -12.46 20.77 15.85
C LYS A 159 -13.21 19.54 15.37
N ALA A 160 -14.54 19.62 15.40
CA ALA A 160 -15.39 18.57 14.87
C ALA A 160 -16.57 19.22 14.19
N ASN A 161 -16.72 18.95 12.90
CA ASN A 161 -17.79 19.52 12.10
C ASN A 161 -18.63 18.39 11.53
N HIS A 163 -21.66 17.42 8.86
CA HIS A 163 -22.30 17.92 7.66
C HIS A 163 -23.39 16.95 7.25
N VAL A 164 -24.33 17.43 6.45
CA VAL A 164 -25.48 16.65 6.03
C VAL A 164 -25.79 16.96 4.57
N CYS A 165 -26.35 15.97 3.89
CA CYS A 165 -26.78 16.14 2.51
C CYS A 165 -27.86 15.12 2.22
N GLY A 166 -28.75 15.46 1.29
CA GLY A 166 -29.79 14.54 0.89
C GLY A 166 -29.26 13.52 -0.10
N ILE A 167 -29.85 12.32 -0.08
CA ILE A 167 -29.41 11.24 -0.94
C ILE A 167 -30.62 10.46 -1.44
N THR A 168 -30.47 9.89 -2.64
CA THR A 168 -31.41 8.92 -3.17
C THR A 168 -30.92 7.53 -2.84
N ASP A 169 -31.82 6.68 -2.36
CA ASP A 169 -31.45 5.33 -1.95
C ASP A 169 -32.58 4.35 -2.26
N GLU A 170 -32.98 4.30 -3.53
CA GLU A 170 -34.05 3.39 -3.94
C GLU A 170 -33.73 1.95 -3.56
N GLN A 171 -32.46 1.57 -3.64
CA GLN A 171 -32.07 0.19 -3.34
C GLN A 171 -32.49 -0.21 -1.93
N TYR A 172 -31.97 0.50 -0.93
CA TYR A 172 -32.25 0.13 0.45
C TYR A 172 -33.68 0.45 0.88
N ILE A 173 -34.33 1.42 0.22
CA ILE A 173 -35.74 1.65 0.52
C ILE A 173 -36.56 0.44 0.14
N GLN A 174 -36.15 -0.29 -0.90
CA GLN A 174 -36.87 -1.47 -1.35
C GLN A 174 -36.43 -2.73 -0.64
N GLU A 175 -35.16 -2.83 -0.25
CA GLU A 175 -34.62 -4.04 0.36
C GLU A 175 -34.61 -4.02 1.87
N ARG A 176 -34.73 -2.85 2.50
CA ARG A 176 -34.68 -2.74 3.95
C ARG A 176 -35.96 -2.26 4.59
N PHE A 177 -36.86 -1.63 3.83
CA PHE A 177 -38.11 -1.13 4.38
C PHE A 177 -39.32 -1.83 3.75
N ASN A 178 -39.49 -1.73 2.43
CA ASN A 178 -40.64 -2.36 1.78
C ASN A 178 -40.58 -3.89 1.85
N ILE A 179 -39.42 -4.45 2.17
CA ILE A 179 -39.30 -5.91 2.25
C ILE A 179 -40.18 -6.47 3.35
N TRP A 180 -40.48 -5.65 4.37
CA TRP A 180 -41.29 -6.11 5.49
C TRP A 180 -42.79 -6.06 5.21
N ASP A 181 -43.21 -5.48 4.08
CA ASP A 181 -44.64 -5.40 3.79
C ASP A 181 -45.26 -6.80 3.73
N ASN A 182 -44.57 -7.74 3.11
CA ASN A 182 -45.04 -9.13 3.04
C ASN A 182 -43.86 -10.06 3.23
N VAL A 183 -43.94 -10.92 4.25
CA VAL A 183 -42.91 -11.91 4.56
C VAL A 183 -43.65 -13.23 4.74
N GLN A 184 -43.61 -14.09 3.73
CA GLN A 184 -44.29 -15.38 3.78
C GLN A 184 -45.79 -15.18 4.06
N GLY A 185 -46.38 -14.22 3.36
CA GLY A 185 -47.80 -13.95 3.52
C GLY A 185 -48.18 -13.31 4.84
N ILE A 186 -47.21 -12.79 5.59
CA ILE A 186 -47.46 -12.13 6.87
C ILE A 186 -47.11 -10.66 6.72
N ASP A 187 -47.91 -9.80 7.36
CA ASP A 187 -47.69 -8.36 7.30
C ASP A 187 -46.75 -7.96 8.43
N PHE A 188 -45.49 -7.65 8.08
CA PHE A 188 -44.51 -7.14 9.02
C PHE A 188 -44.32 -5.63 8.91
N SER A 189 -45.38 -4.92 8.52
CA SER A 189 -45.29 -3.47 8.40
C SER A 189 -44.74 -2.83 9.66
N TYR A 190 -45.05 -3.40 10.82
CA TYR A 190 -44.53 -2.86 12.08
C TYR A 190 -43.01 -2.83 12.07
N PHE A 191 -42.38 -3.86 11.49
CA PHE A 191 -40.91 -3.85 11.37
C PHE A 191 -40.47 -2.72 10.46
N LYS A 192 -41.22 -2.44 9.40
CA LYS A 192 -40.89 -1.33 8.51
C LYS A 192 -40.92 -0.01 9.28
N ARG A 193 -41.97 0.21 10.07
CA ARG A 193 -42.06 1.43 10.85
C ARG A 193 -40.92 1.53 11.86
N LEU A 194 -40.49 0.40 12.42
CA LEU A 194 -39.40 0.43 13.40
C LEU A 194 -38.05 0.66 12.73
N SER A 195 -37.91 0.29 11.45
CA SER A 195 -36.65 0.51 10.76
C SER A 195 -36.34 2.00 10.64
N PHE A 196 -37.36 2.84 10.51
CA PHE A 196 -37.14 4.28 10.38
C PHE A 196 -36.56 4.89 11.64
N ILE A 197 -36.69 4.23 12.78
CA ILE A 197 -36.19 4.79 14.04
C ILE A 197 -34.67 4.68 14.09
N GLU A 198 -34.10 3.61 13.53
CA GLU A 198 -32.70 3.33 13.69
C GLU A 198 -31.92 3.81 12.47
N PRO A 199 -31.02 4.78 12.60
CA PRO A 199 -30.18 5.16 11.46
C PRO A 199 -29.35 3.98 10.97
N LEU A 200 -28.88 4.10 9.74
CA LEU A 200 -28.05 3.09 9.10
C LEU A 200 -26.62 3.62 8.99
N VAL A 201 -25.66 2.85 9.49
CA VAL A 201 -24.25 3.13 9.29
C VAL A 201 -23.81 2.36 8.05
N ASP A 202 -23.60 3.08 6.94
CA ASP A 202 -23.18 2.45 5.70
C ASP A 202 -22.54 3.50 4.81
N THR A 203 -21.95 3.04 3.71
CA THR A 203 -21.25 3.91 2.78
C THR A 203 -22.23 4.52 1.79
N VAL A 204 -22.22 5.85 1.69
CA VAL A 204 -23.02 6.58 0.72
C VAL A 204 -22.14 6.87 -0.49
N GLU A 205 -22.62 6.51 -1.67
CA GLU A 205 -21.85 6.74 -2.89
C GLU A 205 -22.10 8.15 -3.41
N ARG A 206 -21.06 8.72 -4.03
CA ARG A 206 -21.17 10.07 -4.57
C ARG A 206 -22.39 10.22 -5.47
N SER A 207 -22.67 9.18 -6.27
CA SER A 207 -23.81 9.23 -7.18
C SER A 207 -25.13 9.39 -6.45
N GLN A 208 -25.19 9.06 -5.16
CA GLN A 208 -26.43 9.18 -4.41
C GLN A 208 -26.67 10.59 -3.90
N ILE A 209 -25.65 11.42 -3.79
CA ILE A 209 -25.82 12.76 -3.26
C ILE A 209 -26.51 13.62 -4.31
N VAL A 210 -27.71 14.09 -3.98
CA VAL A 210 -28.53 14.87 -4.90
C VAL A 210 -28.74 16.25 -4.29
N THR A 211 -27.75 16.72 -3.54
CA THR A 211 -27.95 17.87 -2.67
C THR A 211 -26.59 18.46 -2.30
N ASN A 212 -26.59 19.76 -2.00
CA ASN A 212 -25.39 20.41 -1.49
C ASN A 212 -25.12 19.94 -0.06
N VAL A 213 -23.85 19.76 0.27
CA VAL A 213 -23.47 19.45 1.64
C VAL A 213 -23.63 20.72 2.47
N ALA A 214 -24.49 20.66 3.48
CA ALA A 214 -24.75 21.81 4.35
C ALA A 214 -24.13 21.58 5.72
N PRO A 215 -23.69 22.65 6.40
CA PRO A 215 -23.14 22.48 7.75
C PRO A 215 -24.24 22.11 8.73
N LEU A 216 -24.07 20.99 9.42
CA LEU A 216 -25.01 20.58 10.44
C LEU A 216 -24.72 21.26 11.78
N VAL A 217 -23.50 21.08 12.28
CA VAL A 217 -23.11 21.66 13.57
C VAL A 217 -21.59 21.59 13.66
N SER A 218 -21.01 22.47 14.47
CA SER A 218 -19.56 22.52 14.65
C SER A 218 -19.25 22.62 16.13
N PHE A 219 -18.24 21.89 16.57
CA PHE A 219 -17.80 21.88 17.96
C PHE A 219 -16.33 22.27 18.02
N ASP A 220 -16.00 23.17 18.94
CA ASP A 220 -14.61 23.48 19.27
C ASP A 220 -14.24 22.62 20.46
N ILE A 221 -13.42 21.59 20.23
CA ILE A 221 -13.08 20.66 21.31
C ILE A 221 -12.29 21.35 22.41
N ASN A 222 -11.70 22.51 22.12
CA ASN A 222 -11.01 23.27 23.15
C ASN A 222 -11.99 23.91 24.13
N THR A 223 -13.22 24.18 23.69
CA THR A 223 -14.16 24.95 24.49
C THR A 223 -15.52 24.29 24.67
N VAL A 224 -15.84 23.24 23.93
CA VAL A 224 -17.18 22.67 23.99
C VAL A 224 -17.41 22.03 25.36
N LYS A 225 -18.67 22.04 25.79
CA LYS A 225 -19.09 21.41 27.03
C LYS A 225 -20.15 20.35 26.71
N GLU A 226 -20.28 19.37 27.60
CA GLU A 226 -21.21 18.28 27.37
C GLU A 226 -22.59 18.80 26.99
N ALA A 227 -23.03 19.88 27.64
CA ALA A 227 -24.35 20.43 27.34
C ALA A 227 -24.45 20.90 25.90
N ASP A 228 -23.34 21.32 25.30
CA ASP A 228 -23.36 21.76 23.91
C ASP A 228 -23.53 20.60 22.94
N LEU A 229 -23.22 19.37 23.36
CA LEU A 229 -23.37 18.22 22.48
C LEU A 229 -24.84 17.90 22.23
N SER A 230 -25.74 18.33 23.10
CA SER A 230 -27.18 18.29 22.83
C SER A 230 -27.50 19.54 22.02
N PHE A 231 -27.41 19.42 20.70
CA PHE A 231 -27.39 20.57 19.82
C PHE A 231 -28.66 20.66 18.98
N THR A 232 -29.00 21.88 18.59
CA THR A 232 -30.00 22.15 17.57
C THR A 232 -29.30 22.67 16.34
N SER A 233 -29.81 22.31 15.16
CA SER A 233 -29.23 22.76 13.91
C SER A 233 -30.34 23.07 12.92
N GLU A 234 -30.19 24.16 12.20
CA GLU A 234 -31.12 24.57 11.14
C GLU A 234 -30.31 24.65 9.85
N PHE A 235 -30.61 23.77 8.91
CA PHE A 235 -29.88 23.71 7.65
C PHE A 235 -30.85 23.61 6.49
N ALA A 236 -30.39 24.07 5.32
CA ALA A 236 -31.16 24.04 4.10
C ALA A 236 -30.46 23.16 3.07
N LEU A 237 -31.24 22.40 2.33
CA LEU A 237 -30.73 21.49 1.31
C LEU A 237 -31.34 21.86 -0.03
N GLU A 238 -30.49 22.06 -1.04
CA GLU A 238 -30.93 22.45 -2.37
C GLU A 238 -30.69 21.30 -3.34
N ALA A 239 -31.73 20.89 -4.06
CA ALA A 239 -31.60 19.82 -5.03
C ALA A 239 -30.72 20.28 -6.20
N GLN A 240 -29.91 19.35 -6.71
CA GLN A 240 -28.93 19.67 -7.74
C GLN A 240 -28.89 18.57 -8.78
N ALA A 241 -28.87 18.96 -10.05
CA ALA A 241 -28.74 18.01 -11.16
C ALA A 241 -29.72 16.85 -11.04
N SER A 251 -36.54 13.95 -14.48
CA SER A 251 -35.88 15.05 -13.79
C SER A 251 -36.41 15.20 -12.37
N ILE A 252 -36.90 14.10 -11.80
CA ILE A 252 -37.43 14.09 -10.45
C ILE A 252 -36.30 13.72 -9.50
N ILE A 253 -36.04 14.58 -8.52
CA ILE A 253 -34.93 14.40 -7.57
C ILE A 253 -35.52 13.93 -6.25
N TYR A 254 -35.18 12.70 -5.85
CA TYR A 254 -35.71 12.09 -4.64
C TYR A 254 -34.67 12.19 -3.52
N VAL A 255 -35.06 12.80 -2.40
CA VAL A 255 -34.25 12.79 -1.19
C VAL A 255 -34.85 11.72 -0.29
N HIS A 256 -34.39 10.48 -0.47
CA HIS A 256 -34.90 9.37 0.32
C HIS A 256 -34.35 9.36 1.74
N ALA A 257 -33.21 10.00 1.98
CA ALA A 257 -32.58 9.96 3.29
C ALA A 257 -31.59 11.10 3.39
N LEU A 258 -31.13 11.35 4.62
CA LEU A 258 -30.10 12.33 4.91
C LEU A 258 -28.82 11.58 5.25
N SER A 259 -27.77 11.83 4.49
CA SER A 259 -26.44 11.29 4.79
C SER A 259 -25.72 12.28 5.70
N VAL A 260 -25.37 11.84 6.90
CA VAL A 260 -24.64 12.65 7.86
C VAL A 260 -23.22 12.10 7.98
N HIS A 261 -22.25 12.98 7.78
CA HIS A 261 -20.85 12.65 8.00
C HIS A 261 -20.22 13.75 8.82
N PHE A 262 -18.94 13.59 9.13
CA PHE A 262 -18.23 14.59 9.91
C PHE A 262 -16.79 14.66 9.43
N ASP A 263 -16.12 15.74 9.81
CA ASP A 263 -14.67 15.85 9.72
C ASP A 263 -14.17 16.41 11.04
N THR A 264 -12.93 16.05 11.37
CA THR A 264 -12.27 16.56 12.58
C THR A 264 -10.97 17.23 12.15
N PRO A 265 -10.99 18.55 11.94
CA PRO A 265 -9.74 19.26 11.64
C PRO A 265 -8.80 19.24 12.83
N PHE A 266 -7.51 19.07 12.53
CA PHE A 266 -6.44 19.25 13.51
C PHE A 266 -5.84 20.64 13.27
N THR A 267 -6.50 21.66 13.82
CA THR A 267 -6.08 23.04 13.64
C THR A 267 -5.19 23.53 14.77
N ALA A 268 -4.81 22.67 15.71
CA ALA A 268 -3.94 23.08 16.81
C ALA A 268 -2.56 23.47 16.33
N GLY A 269 -2.13 22.98 15.16
CA GLY A 269 -0.79 23.19 14.67
C GLY A 269 -0.74 24.13 13.47
N HIS A 270 0.50 24.43 13.07
CA HIS A 270 0.73 25.33 11.94
C HIS A 270 0.25 24.70 10.64
N GLU A 271 0.51 23.41 10.45
CA GLU A 271 0.01 22.68 9.28
C GLU A 271 -1.32 22.04 9.64
N VAL A 272 -2.35 22.33 8.84
CA VAL A 272 -3.70 21.86 9.13
C VAL A 272 -3.91 20.52 8.43
N VAL A 273 -4.33 19.53 9.20
CA VAL A 273 -4.73 18.21 8.71
C VAL A 273 -6.18 17.99 9.09
N ILE A 274 -6.92 17.33 8.21
CA ILE A 274 -8.36 17.13 8.39
C ILE A 274 -8.70 15.68 8.14
N LEU A 275 -9.16 15.00 9.19
CA LEU A 275 -9.77 13.68 9.03
C LEU A 275 -11.21 13.89 8.56
N ASP A 276 -11.55 13.26 7.44
CA ASP A 276 -12.82 13.51 6.76
C ASP A 276 -13.49 12.17 6.50
N THR A 277 -14.78 12.08 6.83
CA THR A 277 -15.58 10.91 6.54
C THR A 277 -16.60 11.19 5.44
N THR A 278 -16.39 12.25 4.68
CA THR A 278 -17.34 12.64 3.64
C THR A 278 -17.51 11.51 2.63
N PRO A 279 -18.68 11.39 2.01
CA PRO A 279 -18.84 10.41 0.93
C PRO A 279 -18.00 10.75 -0.29
N TYR A 280 -17.60 12.02 -0.45
CA TYR A 280 -16.74 12.41 -1.56
C TYR A 280 -15.30 11.95 -1.38
N SER A 281 -14.96 11.35 -0.25
CA SER A 281 -13.68 10.72 -0.02
C SER A 281 -13.85 9.22 0.11
N PRO A 282 -12.78 8.44 -0.07
CA PRO A 282 -12.91 7.00 0.10
C PRO A 282 -13.44 6.67 1.48
N PRO A 283 -14.21 5.59 1.60
CA PRO A 283 -14.85 5.30 2.89
C PRO A 283 -13.84 5.07 4.00
N THR A 284 -14.18 5.58 5.18
CA THR A 284 -13.50 5.20 6.42
C THR A 284 -14.33 4.11 7.09
N HIS A 285 -13.91 3.70 8.29
CA HIS A 285 -14.69 2.72 9.03
C HIS A 285 -15.91 3.34 9.69
N TRP A 286 -15.98 4.67 9.77
CA TRP A 286 -17.21 5.33 10.18
C TRP A 286 -18.25 5.36 9.08
N ARG A 287 -17.82 5.18 7.83
CA ARG A 287 -18.71 5.30 6.67
C ARG A 287 -19.56 6.56 6.79
N GLN A 288 -20.88 6.40 6.77
CA GLN A 288 -21.79 7.53 6.90
C GLN A 288 -23.00 7.05 7.68
N THR A 289 -23.73 8.01 8.25
CA THR A 289 -24.96 7.72 8.97
C THR A 289 -26.14 8.21 8.13
N VAL A 290 -27.09 7.34 7.88
CA VAL A 290 -28.20 7.61 6.97
C VAL A 290 -29.48 7.63 7.78
N LEU A 291 -30.11 8.80 7.86
CA LEU A 291 -31.42 8.97 8.48
C LEU A 291 -32.47 8.92 7.38
N TYR A 292 -33.17 7.80 7.28
CA TYR A 292 -34.17 7.61 6.23
C TYR A 292 -35.42 8.40 6.57
N LEU A 293 -35.81 9.32 5.68
CA LEU A 293 -36.97 10.17 5.92
C LEU A 293 -38.25 9.37 5.79
N PHE A 294 -39.15 9.52 6.76
CA PHE A 294 -40.43 8.82 6.70
C PHE A 294 -41.18 9.20 5.43
N ASN A 295 -41.07 10.45 5.00
CA ASN A 295 -41.65 10.92 3.75
C ASN A 295 -40.55 11.47 2.87
N PRO A 296 -40.08 10.72 1.86
CA PRO A 296 -39.05 11.27 0.97
C PRO A 296 -39.50 12.55 0.31
N LEU A 297 -38.53 13.42 0.04
CA LEU A 297 -38.81 14.70 -0.59
C LEU A 297 -38.69 14.59 -2.10
N ARG A 298 -39.73 15.01 -2.80
CA ARG A 298 -39.76 15.01 -4.26
C ARG A 298 -39.43 16.44 -4.72
N ARG A 300 -37.12 19.40 -7.25
CA ARG A 300 -36.58 19.72 -8.57
C ARG A 300 -35.33 20.57 -8.39
N ALA A 301 -34.47 20.54 -9.41
CA ALA A 301 -33.22 21.27 -9.37
C ALA A 301 -33.45 22.72 -8.98
N GLY A 302 -32.80 23.15 -7.90
CA GLY A 302 -32.87 24.51 -7.42
C GLY A 302 -33.77 24.70 -6.21
N GLU A 303 -34.78 23.85 -6.05
CA GLU A 303 -35.66 23.96 -4.90
C GLU A 303 -34.90 23.69 -3.61
N ARG A 304 -35.35 24.31 -2.52
CA ARG A 304 -34.72 24.21 -1.22
C ARG A 304 -35.69 23.63 -0.20
N ALA A 305 -35.16 22.82 0.71
CA ALA A 305 -35.92 22.28 1.83
C ALA A 305 -35.19 22.63 3.11
N THR A 306 -35.92 23.13 4.09
CA THR A 306 -35.34 23.50 5.38
C THR A 306 -35.56 22.38 6.39
N PHE A 307 -34.60 22.24 7.29
CA PHE A 307 -34.61 21.18 8.28
C PHE A 307 -34.20 21.76 9.63
N ARG A 308 -34.75 21.20 10.70
CA ARG A 308 -34.33 21.51 12.06
C ARG A 308 -34.07 20.19 12.77
N LYS A 310 -32.53 18.19 16.17
CA LYS A 310 -32.14 18.24 17.57
C LYS A 310 -31.59 16.87 17.95
N CYS A 311 -30.32 16.83 18.35
CA CYS A 311 -29.69 15.62 18.83
C CYS A 311 -29.41 15.76 20.32
N SER A 312 -29.66 14.69 21.07
CA SER A 312 -29.49 14.72 22.52
C SER A 312 -29.23 13.30 23.01
N PRO A 313 -28.48 13.14 24.10
CA PRO A 313 -28.35 11.81 24.70
C PRO A 313 -29.70 11.29 25.14
N ASN A 314 -29.88 9.98 24.99
CA ASN A 314 -31.15 9.36 25.35
C ASN A 314 -31.37 9.42 26.86
N ALA A 315 -32.60 9.73 27.26
CA ALA A 315 -32.91 10.00 28.66
C ALA A 315 -32.46 8.85 29.56
N LEU A 316 -33.02 7.65 29.34
CA LEU A 316 -32.70 6.53 30.21
C LEU A 316 -31.32 5.96 29.93
N ASN A 317 -31.00 5.71 28.67
CA ASN A 317 -29.71 5.15 28.28
C ASN A 317 -28.78 6.32 27.91
N GLY A 318 -27.74 6.53 28.70
CA GLY A 318 -26.90 7.69 28.50
C GLY A 318 -26.17 7.69 27.17
N ARG A 319 -25.80 6.52 26.67
CA ARG A 319 -24.97 6.41 25.48
C ARG A 319 -25.77 6.18 24.21
N ASP A 320 -27.10 6.27 24.27
CA ASP A 320 -27.94 6.25 23.08
C ASP A 320 -28.30 7.68 22.69
N LEU A 321 -28.54 7.88 21.39
CA LEU A 321 -28.79 9.21 20.84
C LEU A 321 -30.23 9.31 20.38
N ASP A 322 -30.93 10.34 20.85
CA ASP A 322 -32.23 10.71 20.33
C ASP A 322 -32.04 11.82 19.30
N ILE A 323 -32.66 11.66 18.14
CA ILE A 323 -32.57 12.63 17.06
C ILE A 323 -33.99 13.01 16.66
N SER A 324 -34.32 14.29 16.78
CA SER A 324 -35.58 14.84 16.29
C SER A 324 -35.30 15.65 15.04
N LEU A 325 -36.14 15.46 14.02
CA LEU A 325 -35.94 16.07 12.72
C LEU A 325 -37.26 16.69 12.26
N HIS A 326 -37.23 18.00 12.05
CA HIS A 326 -38.37 18.72 11.47
C HIS A 326 -38.03 19.02 10.01
N VAL A 327 -38.89 18.56 9.11
CA VAL A 327 -38.71 18.74 7.68
C VAL A 327 -39.78 19.72 7.19
N ASP A 328 -39.34 20.85 6.65
CA ASP A 328 -40.23 21.82 6.02
C ASP A 328 -39.81 21.97 4.56
N PHE A 329 -40.63 21.46 3.64
CA PHE A 329 -40.35 21.56 2.22
C PHE A 329 -41.61 21.99 1.48
N GLU A 330 -41.48 23.00 0.64
CA GLU A 330 -42.55 23.44 -0.25
C GLU A 330 -41.96 23.63 -1.63
N GLY A 331 -42.33 22.75 -2.56
CA GLY A 331 -41.85 22.80 -3.93
C GLY A 331 -42.97 22.55 -4.91
N ALA A 332 -42.62 22.66 -6.19
CA ALA A 332 -43.59 22.49 -7.25
C ALA A 332 -44.24 21.11 -7.26
N LEU A 333 -43.67 20.14 -6.52
CA LEU A 333 -44.15 18.77 -6.55
C LEU A 333 -44.59 18.23 -5.19
N GLN A 334 -44.31 18.93 -4.10
CA GLN A 334 -44.66 18.41 -2.78
C GLN A 334 -44.65 19.52 -1.77
N ILE A 335 -45.51 19.38 -0.76
CA ILE A 335 -45.58 20.29 0.37
C ILE A 335 -45.71 19.45 1.64
N SER A 336 -44.63 19.29 2.38
CA SER A 336 -44.61 18.43 3.56
C SER A 336 -43.92 19.14 4.71
N HIS A 337 -44.61 19.21 5.84
CA HIS A 337 -44.07 19.78 7.08
C HIS A 337 -44.34 18.76 8.18
N TYR A 338 -43.36 17.93 8.50
CA TYR A 338 -43.57 16.84 9.45
C TYR A 338 -42.38 16.73 10.38
N ASP A 339 -42.62 16.03 11.50
CA ASP A 339 -41.61 15.75 12.51
C ASP A 339 -41.35 14.25 12.54
N GLN A 340 -40.07 13.87 12.48
CA GLN A 340 -39.68 12.48 12.56
C GLN A 340 -38.61 12.33 13.63
N ASP A 341 -38.60 11.17 14.28
CA ASP A 341 -37.62 10.87 15.32
C ASP A 341 -36.80 9.67 14.92
N PHE A 342 -35.53 9.70 15.28
CA PHE A 342 -34.62 8.57 15.15
C PHE A 342 -34.00 8.30 16.51
N ARG A 343 -33.60 7.05 16.73
CA ARG A 343 -32.92 6.68 17.96
C ARG A 343 -31.77 5.74 17.59
N LEU A 344 -30.55 6.21 17.79
CA LEU A 344 -29.35 5.42 17.54
C LEU A 344 -29.04 4.65 18.83
N ARG A 345 -29.36 3.37 18.83
CA ARG A 345 -29.19 2.53 20.01
C ARG A 345 -28.59 1.18 19.62
N ARG B 73 -31.85 -2.96 15.10
CA ARG B 73 -32.17 -4.35 15.43
C ARG B 73 -32.98 -5.01 14.32
N ILE B 74 -33.84 -4.23 13.67
CA ILE B 74 -34.71 -4.79 12.64
C ILE B 74 -33.90 -5.34 11.48
N SER B 75 -32.86 -4.62 11.06
CA SER B 75 -32.06 -5.06 9.92
C SER B 75 -31.41 -6.40 10.17
N GLY B 76 -31.06 -6.70 11.42
CA GLY B 76 -30.41 -7.96 11.75
C GLY B 76 -31.26 -9.19 11.45
N ASN B 77 -32.56 -9.01 11.20
CA ASN B 77 -33.47 -10.12 10.94
C ASN B 77 -33.71 -10.36 9.46
N LEU B 78 -33.14 -9.53 8.58
CA LEU B 78 -33.31 -9.73 7.15
C LEU B 78 -32.75 -11.08 6.69
N SER B 79 -31.58 -11.46 7.21
CA SER B 79 -31.01 -12.75 6.85
C SER B 79 -32.02 -13.87 7.07
N CYS B 80 -32.86 -13.75 8.09
CA CYS B 80 -33.81 -14.82 8.41
C CYS B 80 -34.88 -14.96 7.34
N ILE B 81 -35.43 -13.83 6.86
CA ILE B 81 -36.52 -13.91 5.90
C ILE B 81 -36.02 -14.34 4.52
N HIS B 82 -34.73 -14.20 4.25
CA HIS B 82 -34.15 -14.68 3.01
C HIS B 82 -33.55 -16.08 3.14
N ASP B 83 -33.70 -16.72 4.29
CA ASP B 83 -33.16 -18.06 4.51
C ASP B 83 -34.14 -19.08 3.93
N ARG B 84 -34.02 -19.30 2.63
CA ARG B 84 -34.94 -20.21 1.94
C ARG B 84 -34.79 -21.63 2.44
N VAL B 85 -33.56 -22.05 2.76
CA VAL B 85 -33.32 -23.42 3.16
C VAL B 85 -34.04 -23.74 4.46
N ARG B 86 -33.82 -22.93 5.50
CA ARG B 86 -34.51 -23.13 6.76
C ARG B 86 -36.02 -23.08 6.59
N LEU B 87 -36.49 -22.18 5.71
CA LEU B 87 -37.93 -22.01 5.55
C LEU B 87 -38.59 -23.26 4.99
N ARG B 88 -38.00 -23.86 3.96
CA ARG B 88 -38.59 -25.07 3.40
C ARG B 88 -38.43 -26.26 4.36
N ALA B 89 -37.32 -26.30 5.11
CA ALA B 89 -37.12 -27.36 6.08
C ALA B 89 -38.17 -27.31 7.18
N TYR B 90 -38.25 -26.19 7.90
CA TYR B 90 -39.21 -26.06 8.97
C TYR B 90 -40.65 -26.00 8.47
N GLU B 91 -40.86 -25.71 7.18
CA GLU B 91 -42.20 -25.86 6.62
C GLU B 91 -42.58 -27.32 6.49
N SER B 92 -41.62 -28.17 6.10
CA SER B 92 -41.88 -29.60 6.03
C SER B 92 -42.22 -30.16 7.40
N VAL B 93 -41.63 -29.60 8.46
CA VAL B 93 -41.93 -30.07 9.82
C VAL B 93 -43.31 -29.59 10.25
N LEU B 94 -43.68 -28.38 9.86
CA LEU B 94 -44.92 -27.76 10.30
C LEU B 94 -46.12 -28.18 9.47
N ARG B 95 -46.02 -29.28 8.72
CA ARG B 95 -47.19 -29.81 8.02
C ARG B 95 -48.14 -30.48 8.99
N SER B 96 -47.64 -31.43 9.78
CA SER B 96 -48.46 -32.19 10.72
C SER B 96 -48.66 -31.48 12.05
N ILE B 97 -48.41 -30.16 12.10
CA ILE B 97 -48.45 -29.45 13.39
C ILE B 97 -49.85 -29.04 13.80
N LYS B 98 -50.84 -29.17 12.91
CA LYS B 98 -52.20 -28.79 13.25
C LYS B 98 -52.68 -29.58 14.46
N GLY B 99 -53.17 -28.87 15.47
CA GLY B 99 -53.65 -29.49 16.68
C GLY B 99 -52.59 -29.84 17.70
N LYS B 100 -51.31 -29.65 17.36
CA LYS B 100 -50.21 -29.94 18.26
C LYS B 100 -49.61 -28.64 18.80
N SER B 101 -49.07 -28.71 20.01
CA SER B 101 -48.48 -27.56 20.66
C SER B 101 -47.01 -27.44 20.28
N VAL B 102 -46.54 -26.22 20.12
CA VAL B 102 -45.18 -25.94 19.69
C VAL B 102 -44.51 -25.04 20.72
N LEU B 103 -43.28 -25.37 21.08
CA LEU B 103 -42.41 -24.52 21.88
C LEU B 103 -41.22 -24.15 21.01
N HIS B 104 -41.10 -22.88 20.67
CA HIS B 104 -40.01 -22.39 19.82
C HIS B 104 -39.01 -21.65 20.69
N LEU B 105 -37.90 -22.30 21.00
CA LEU B 105 -36.80 -21.68 21.74
C LEU B 105 -35.86 -21.01 20.76
N GLY B 106 -35.46 -19.77 21.08
CA GLY B 106 -34.66 -18.98 20.15
C GLY B 106 -35.46 -18.64 18.91
N CYS B 107 -36.70 -18.18 19.12
CA CYS B 107 -37.59 -17.90 18.01
C CYS B 107 -37.13 -16.72 17.17
N GLY B 108 -36.28 -15.85 17.72
CA GLY B 108 -35.85 -14.69 16.98
C GLY B 108 -37.03 -13.79 16.68
N GLY B 110 -39.52 -14.61 15.24
CA GLY B 110 -40.70 -15.42 15.32
C GLY B 110 -41.35 -15.75 14.00
N LEU B 111 -40.57 -15.74 12.90
CA LEU B 111 -41.14 -16.07 11.60
C LEU B 111 -41.63 -17.51 11.58
N VAL B 112 -40.78 -18.45 11.99
CA VAL B 112 -41.21 -19.85 12.05
C VAL B 112 -42.28 -20.03 13.12
N SER B 113 -42.16 -19.31 14.23
CA SER B 113 -43.18 -19.37 15.27
C SER B 113 -44.54 -19.02 14.70
N ILE B 115 -45.44 -18.98 11.48
CA ILE B 115 -45.82 -19.97 10.47
C ILE B 115 -46.44 -21.18 11.13
N ALA B 116 -45.90 -21.59 12.29
CA ALA B 116 -46.49 -22.69 13.04
C ALA B 116 -47.89 -22.32 13.54
N ALA B 117 -48.03 -21.11 14.08
CA ALA B 117 -49.34 -20.63 14.51
C ALA B 117 -50.30 -20.55 13.34
N ARG B 118 -49.81 -20.08 12.18
CA ARG B 118 -50.64 -20.03 10.98
C ARG B 118 -51.00 -21.42 10.48
N SER B 119 -50.22 -22.44 10.85
CA SER B 119 -50.52 -23.82 10.50
C SER B 119 -51.52 -24.46 11.46
N LEU B 120 -52.30 -23.66 12.17
CA LEU B 120 -53.36 -24.15 13.05
C LEU B 120 -52.81 -25.04 14.16
N ALA B 121 -51.61 -24.74 14.64
CA ALA B 121 -51.09 -25.41 15.82
C ALA B 121 -51.93 -25.03 17.04
N SER B 122 -52.21 -26.02 17.89
CA SER B 122 -53.04 -25.77 19.06
C SER B 122 -52.52 -24.56 19.83
N ALA B 123 -51.24 -24.57 20.19
CA ALA B 123 -50.62 -23.48 20.91
C ALA B 123 -49.17 -23.35 20.48
N VAL B 124 -48.69 -22.13 20.44
CA VAL B 124 -47.31 -21.84 20.09
C VAL B 124 -46.74 -20.91 21.16
N VAL B 125 -45.76 -21.39 21.91
CA VAL B 125 -45.05 -20.59 22.89
C VAL B 125 -43.67 -20.30 22.31
N ALA B 126 -43.43 -19.06 21.91
CA ALA B 126 -42.17 -18.65 21.32
C ALA B 126 -41.37 -17.87 22.35
N VAL B 127 -40.09 -18.22 22.50
CA VAL B 127 -39.23 -17.63 23.50
C VAL B 127 -37.94 -17.15 22.83
N ASP B 128 -37.47 -15.98 23.25
CA ASP B 128 -36.15 -15.50 22.88
C ASP B 128 -35.78 -14.39 23.86
N ARG B 129 -34.50 -14.03 23.84
CA ARG B 129 -33.99 -13.04 24.79
C ARG B 129 -33.94 -11.63 24.21
N SER B 130 -33.88 -11.49 22.89
CA SER B 130 -33.80 -10.18 22.29
C SER B 130 -35.17 -9.51 22.27
N ALA B 131 -35.16 -8.18 22.22
CA ALA B 131 -36.39 -7.40 22.25
C ALA B 131 -37.25 -7.60 21.01
N ILE B 132 -36.73 -8.24 19.96
CA ILE B 132 -37.48 -8.40 18.72
C ILE B 132 -38.79 -9.14 18.98
N VAL B 133 -38.82 -10.04 19.96
CA VAL B 133 -40.03 -10.80 20.24
C VAL B 133 -41.19 -9.86 20.56
N ASP B 134 -40.92 -8.75 21.25
CA ASP B 134 -41.97 -7.78 21.51
C ASP B 134 -42.57 -7.29 20.20
N ALA B 135 -41.71 -6.92 19.24
CA ALA B 135 -42.19 -6.56 17.91
C ALA B 135 -42.87 -7.74 17.24
N ALA B 136 -42.34 -8.94 17.44
CA ALA B 136 -42.97 -10.15 16.90
C ALA B 136 -44.38 -10.30 17.45
N GLN B 137 -44.55 -10.13 18.75
CA GLN B 137 -45.89 -10.20 19.34
C GLN B 137 -46.83 -9.21 18.68
N VAL B 138 -46.40 -7.96 18.54
CA VAL B 138 -47.22 -6.95 17.86
C VAL B 138 -47.63 -7.45 16.48
N VAL B 139 -46.66 -7.92 15.70
CA VAL B 139 -46.95 -8.41 14.35
C VAL B 139 -47.97 -9.54 14.41
N ALA B 140 -47.74 -10.51 15.31
CA ALA B 140 -48.68 -11.62 15.46
C ALA B 140 -50.09 -11.10 15.74
N ASN B 141 -50.21 -10.15 16.67
CA ASN B 141 -51.52 -9.59 17.00
C ASN B 141 -52.14 -8.91 15.79
N LYS B 142 -51.33 -8.27 14.96
CA LYS B 142 -51.85 -7.55 13.80
C LYS B 142 -52.09 -8.45 12.59
N ASN B 143 -51.89 -9.76 12.72
CA ASN B 143 -52.14 -10.69 11.63
C ASN B 143 -53.22 -11.72 11.98
N GLY B 144 -53.95 -11.53 13.07
CA GLY B 144 -55.01 -12.44 13.45
C GLY B 144 -54.55 -13.72 14.10
N LEU B 145 -53.25 -13.88 14.36
CA LEU B 145 -52.74 -15.08 15.03
C LEU B 145 -53.05 -14.98 16.52
N ASN B 146 -53.94 -15.84 17.00
CA ASN B 146 -54.40 -15.80 18.38
C ASN B 146 -53.94 -17.00 19.19
N ASN B 147 -53.24 -17.96 18.57
CA ASN B 147 -52.77 -19.16 19.24
C ASN B 147 -51.28 -19.12 19.51
N ILE B 148 -50.70 -17.93 19.62
CA ILE B 148 -49.26 -17.78 19.80
C ILE B 148 -49.01 -16.70 20.86
N SER B 149 -48.02 -16.93 21.70
CA SER B 149 -47.62 -15.96 22.71
C SER B 149 -46.11 -15.93 22.81
N PHE B 150 -45.54 -14.73 22.78
CA PHE B 150 -44.10 -14.53 22.82
C PHE B 150 -43.66 -14.19 24.24
N PHE B 151 -42.46 -14.65 24.60
CA PHE B 151 -41.88 -14.41 25.91
C PHE B 151 -40.45 -13.97 25.74
N ARG B 152 -40.08 -12.85 26.35
CA ARG B 152 -38.72 -12.34 26.30
C ARG B 152 -37.96 -12.79 27.54
N GLY B 153 -36.77 -13.32 27.33
CA GLY B 153 -35.89 -13.72 28.41
C GLY B 153 -35.50 -15.18 28.30
N ALA B 154 -34.63 -15.59 29.24
CA ALA B 154 -34.22 -16.98 29.31
C ALA B 154 -35.41 -17.86 29.66
N LEU B 155 -35.38 -19.10 29.17
CA LEU B 155 -36.49 -20.02 29.41
C LEU B 155 -36.78 -20.13 30.90
N VAL B 156 -35.75 -20.31 31.72
CA VAL B 156 -35.94 -20.54 33.15
C VAL B 156 -36.71 -19.39 33.78
N ASP B 157 -36.56 -18.18 33.28
CA ASP B 157 -37.21 -17.01 33.84
C ASP B 157 -38.63 -16.79 33.30
N VAL B 158 -39.08 -17.60 32.35
CA VAL B 158 -40.39 -17.43 31.74
C VAL B 158 -41.28 -18.67 31.85
N VAL B 159 -40.72 -19.84 32.18
CA VAL B 159 -41.54 -21.04 32.28
C VAL B 159 -42.66 -20.83 33.29
N GLN B 160 -42.38 -20.11 34.38
CA GLN B 160 -43.40 -19.88 35.39
C GLN B 160 -44.60 -19.14 34.81
N ASN B 161 -44.39 -18.33 33.78
CA ASN B 161 -45.47 -17.59 33.14
C ASN B 161 -46.05 -18.33 31.94
N PHE B 162 -45.58 -19.53 31.64
CA PHE B 162 -46.03 -20.23 30.45
C PHE B 162 -47.51 -20.59 30.58
N PRO B 163 -48.30 -20.40 29.52
CA PRO B 163 -49.69 -20.86 29.58
C PRO B 163 -49.81 -22.37 29.63
N VAL B 164 -49.04 -23.07 28.80
CA VAL B 164 -48.97 -24.52 28.80
C VAL B 164 -47.53 -24.93 29.04
N ARG B 165 -47.34 -26.11 29.63
CA ARG B 165 -46.01 -26.55 30.04
C ARG B 165 -45.70 -27.98 29.58
N GLN B 166 -46.41 -28.48 28.57
CA GLN B 166 -46.11 -29.77 27.96
C GLN B 166 -46.36 -29.64 26.47
N PHE B 167 -45.33 -29.84 25.66
CA PHE B 167 -45.38 -29.56 24.23
C PHE B 167 -45.13 -30.82 23.41
N ASP B 168 -45.78 -30.88 22.26
CA ASP B 168 -45.62 -31.99 21.33
C ASP B 168 -44.43 -31.81 20.40
N VAL B 169 -44.13 -30.57 20.00
CA VAL B 169 -43.00 -30.26 19.14
C VAL B 169 -42.23 -29.12 19.78
N ILE B 170 -40.92 -29.29 19.89
CA ILE B 170 -40.05 -28.25 20.42
C ILE B 170 -39.02 -27.94 19.34
N ILE B 171 -39.11 -26.74 18.78
CA ILE B 171 -38.18 -26.29 17.74
C ILE B 171 -37.09 -25.47 18.42
N CYS B 172 -35.85 -25.93 18.30
CA CYS B 172 -34.73 -25.22 18.90
C CYS B 172 -33.45 -25.60 18.16
N GLU B 173 -32.71 -24.60 17.68
CA GLU B 173 -31.41 -24.82 17.06
C GLU B 173 -30.35 -24.74 18.15
N TRP B 174 -30.24 -25.83 18.90
CA TRP B 174 -29.37 -25.94 20.06
C TRP B 174 -27.92 -26.26 19.71
N GLY B 176 -24.15 -25.61 18.46
CA GLY B 176 -23.17 -24.55 18.34
C GLY B 176 -22.16 -24.88 17.26
N PRO B 177 -21.16 -24.01 17.09
CA PRO B 177 -20.15 -24.25 16.06
C PRO B 177 -19.38 -25.55 16.28
N PHE B 178 -19.42 -26.10 17.50
CA PHE B 178 -18.79 -27.37 17.80
C PHE B 178 -19.77 -28.30 18.50
N LEU B 179 -21.05 -28.16 18.17
CA LEU B 179 -22.10 -29.13 18.46
C LEU B 179 -22.64 -29.05 19.89
N ILE B 180 -21.79 -28.69 20.86
CA ILE B 180 -22.16 -28.78 22.27
C ILE B 180 -22.06 -27.44 22.99
N ASN B 181 -21.74 -26.36 22.29
CA ASN B 181 -21.36 -25.10 22.92
C ASN B 181 -22.29 -23.96 22.54
N ASP B 182 -23.53 -24.28 22.19
CA ASP B 182 -24.52 -23.22 21.99
C ASP B 182 -25.28 -23.00 23.30
N PRO B 183 -25.35 -21.78 23.81
CA PRO B 183 -26.07 -21.57 25.08
C PRO B 183 -27.51 -22.01 25.04
N LEU B 184 -28.13 -21.96 23.85
CA LEU B 184 -29.51 -22.41 23.72
C LEU B 184 -29.67 -23.87 24.07
N LEU B 185 -28.60 -24.67 23.99
CA LEU B 185 -28.69 -26.07 24.36
C LEU B 185 -29.16 -26.24 25.79
N GLU B 186 -28.59 -25.45 26.71
CA GLU B 186 -29.00 -25.53 28.11
C GLU B 186 -30.51 -25.40 28.25
N GLU B 187 -31.13 -24.56 27.43
CA GLU B 187 -32.58 -24.41 27.46
C GLU B 187 -33.27 -25.58 26.75
N ALA B 188 -32.71 -26.03 25.62
CA ALA B 188 -33.28 -27.18 24.93
C ALA B 188 -33.36 -28.39 25.86
N LEU B 189 -32.29 -28.65 26.61
CA LEU B 189 -32.29 -29.80 27.51
C LEU B 189 -33.34 -29.65 28.59
N TYR B 190 -33.52 -28.44 29.12
CA TYR B 190 -34.60 -28.20 30.07
C TYR B 190 -35.95 -28.52 29.45
N ALA B 191 -36.18 -28.04 28.23
CA ALA B 191 -37.42 -28.34 27.55
C ALA B 191 -37.56 -29.82 27.27
N ARG B 192 -36.44 -30.51 27.04
CA ARG B 192 -36.49 -31.95 26.80
C ARG B 192 -36.92 -32.71 28.05
N ASN B 193 -36.42 -32.30 29.22
CA ASN B 193 -36.65 -33.04 30.44
C ASN B 193 -37.96 -32.69 31.14
N ASN B 194 -38.52 -31.52 30.87
CA ASN B 194 -39.67 -31.04 31.63
C ASN B 194 -40.85 -30.64 30.75
N LEU B 195 -40.60 -30.03 29.59
CA LEU B 195 -41.65 -29.42 28.80
C LEU B 195 -42.03 -30.24 27.57
N LEU B 196 -41.52 -31.45 27.45
CA LEU B 196 -41.78 -32.30 26.29
C LEU B 196 -42.74 -33.42 26.69
N ALA B 197 -43.82 -33.57 25.92
CA ALA B 197 -44.75 -34.66 26.15
C ALA B 197 -44.06 -36.00 25.99
N SER B 198 -44.75 -37.07 26.37
CA SER B 198 -44.16 -38.40 26.32
C SER B 198 -43.77 -38.78 24.90
N ASN B 199 -44.65 -38.50 23.93
CA ASN B 199 -44.40 -38.81 22.53
C ASN B 199 -43.99 -37.59 21.72
N GLY B 200 -43.64 -36.50 22.38
CA GLY B 200 -43.24 -35.31 21.65
C GLY B 200 -41.89 -35.46 20.97
N VAL B 201 -41.68 -34.63 19.96
CA VAL B 201 -40.45 -34.64 19.19
C VAL B 201 -39.75 -33.30 19.35
N CYS B 203 -36.91 -30.61 17.35
CA CYS B 203 -36.51 -30.31 15.99
C CYS B 203 -35.54 -29.14 15.94
N PRO B 204 -34.34 -29.32 15.37
CA PRO B 204 -33.72 -30.57 14.90
C PRO B 204 -33.28 -31.46 16.07
N ASP B 205 -32.99 -32.74 15.79
CA ASP B 205 -32.65 -33.69 16.83
C ASP B 205 -31.21 -34.19 16.76
N SER B 206 -30.47 -33.88 15.70
CA SER B 206 -29.11 -34.37 15.54
C SER B 206 -28.27 -33.31 14.84
N SER B 207 -26.96 -33.38 15.07
CA SER B 207 -26.04 -32.42 14.48
C SER B 207 -24.66 -33.05 14.38
N SER B 208 -24.04 -32.92 13.22
CA SER B 208 -22.69 -33.44 12.99
C SER B 208 -21.77 -32.29 12.64
N ILE B 209 -20.48 -32.49 12.93
CA ILE B 209 -19.45 -31.50 12.63
C ILE B 209 -18.54 -32.07 11.56
N HIS B 210 -18.19 -31.24 10.58
CA HIS B 210 -17.39 -31.65 9.43
C HIS B 210 -16.14 -30.79 9.37
N VAL B 211 -15.00 -31.44 9.08
CA VAL B 211 -13.71 -30.78 9.04
C VAL B 211 -13.20 -30.75 7.61
N VAL B 212 -12.61 -29.62 7.22
CA VAL B 212 -11.96 -29.48 5.92
C VAL B 212 -10.65 -28.72 6.13
N GLY B 213 -9.72 -28.95 5.21
CA GLY B 213 -8.46 -28.23 5.22
C GLY B 213 -8.54 -27.03 4.28
N VAL B 214 -7.96 -25.92 4.73
CA VAL B 214 -8.06 -24.64 4.05
C VAL B 214 -6.66 -24.07 3.84
N SER B 215 -6.41 -23.53 2.66
CA SER B 215 -5.13 -22.92 2.31
C SER B 215 -5.40 -21.47 1.91
N ASP B 216 -5.07 -20.53 2.80
CA ASP B 216 -5.23 -19.10 2.53
C ASP B 216 -3.98 -18.40 3.07
N TYR B 217 -2.93 -18.38 2.26
CA TYR B 217 -1.68 -17.72 2.67
C TYR B 217 -1.88 -16.22 2.81
N CYS B 218 -2.69 -15.62 1.93
CA CYS B 218 -2.88 -14.17 1.97
C CYS B 218 -3.68 -13.76 3.22
N PHE B 219 -4.67 -14.56 3.61
CA PHE B 219 -5.42 -14.25 4.83
C PHE B 219 -4.51 -14.28 6.04
N HIS B 220 -3.66 -15.30 6.14
CA HIS B 220 -2.66 -15.34 7.20
C HIS B 220 -1.79 -14.10 7.17
N ASP B 222 -2.56 -11.15 6.00
CA ASP B 222 -3.34 -9.96 6.29
C ASP B 222 -3.85 -9.89 7.72
N THR B 223 -3.88 -11.03 8.44
CA THR B 223 -4.33 -11.05 9.82
C THR B 223 -3.22 -11.31 10.83
N VAL B 224 -2.16 -12.02 10.43
CA VAL B 224 -1.05 -12.34 11.32
C VAL B 224 0.17 -11.48 11.01
N GLU B 225 0.72 -11.61 9.80
CA GLU B 225 1.88 -10.80 9.43
C GLU B 225 1.55 -9.32 9.35
N PHE B 226 0.27 -8.97 9.20
CA PHE B 226 -0.11 -7.56 9.23
C PHE B 226 0.42 -6.87 10.48
N TRP B 227 0.42 -7.57 11.62
CA TRP B 227 0.90 -6.99 12.86
C TRP B 227 2.42 -6.91 12.92
N GLY B 228 3.11 -7.52 11.95
CA GLY B 228 4.56 -7.38 11.90
C GLY B 228 5.00 -5.94 11.81
N ASN B 229 4.19 -5.08 11.20
CA ASN B 229 4.55 -3.68 11.06
C ASN B 229 3.31 -2.86 10.77
N VAL B 230 2.98 -1.93 11.68
CA VAL B 230 1.78 -1.11 11.59
C VAL B 230 2.26 0.33 11.63
N TYR B 231 2.33 0.98 10.47
CA TYR B 231 2.80 2.36 10.35
C TYR B 231 4.19 2.54 10.94
N GLY B 232 5.03 1.51 10.81
CA GLY B 232 6.40 1.57 11.26
C GLY B 232 6.67 0.89 12.58
N PHE B 233 5.64 0.42 13.28
CA PHE B 233 5.77 -0.17 14.60
C PHE B 233 5.41 -1.65 14.55
N LYS B 234 6.15 -2.45 15.30
CA LYS B 234 5.90 -3.89 15.38
C LYS B 234 4.85 -4.15 16.45
N GLU B 236 3.82 -7.40 17.49
CA GLU B 236 3.89 -8.85 17.63
C GLU B 236 2.87 -9.40 18.63
N PRO B 237 2.64 -8.78 19.79
CA PRO B 237 1.70 -9.38 20.76
C PRO B 237 0.33 -9.67 20.19
N LYS B 239 -0.41 -10.89 17.23
CA LYS B 239 -0.43 -12.14 16.49
C LYS B 239 -0.99 -13.27 17.34
N ALA B 240 -0.56 -13.35 18.60
CA ALA B 240 -1.11 -14.35 19.51
C ALA B 240 -2.63 -14.27 19.56
N LEU B 241 -3.15 -13.08 19.84
CA LEU B 241 -4.60 -12.90 19.92
C LEU B 241 -5.31 -13.39 18.67
N VAL B 242 -4.62 -13.36 17.52
CA VAL B 242 -5.25 -13.80 16.28
C VAL B 242 -5.27 -15.32 16.19
N GLN B 243 -4.18 -15.97 16.58
CA GLN B 243 -4.03 -17.40 16.38
C GLN B 243 -4.71 -18.22 17.47
N ARG B 244 -4.99 -17.62 18.64
CA ARG B 244 -5.70 -18.33 19.69
C ARG B 244 -7.21 -18.29 19.53
N GLU B 245 -7.72 -17.55 18.54
CA GLU B 245 -9.13 -17.28 18.42
C GLU B 245 -9.73 -18.11 17.29
N VAL B 246 -10.88 -18.74 17.57
CA VAL B 246 -11.65 -19.40 16.53
C VAL B 246 -12.32 -18.34 15.67
N GLU B 247 -12.09 -18.40 14.36
CA GLU B 247 -12.58 -17.40 13.42
C GLU B 247 -13.88 -17.92 12.81
N CYS B 249 -16.22 -17.18 10.01
CA CYS B 249 -16.18 -16.39 8.79
C CYS B 249 -16.30 -17.32 7.60
N ARG B 250 -17.12 -16.94 6.63
CA ARG B 250 -17.24 -17.73 5.40
C ARG B 250 -15.88 -17.84 4.73
N VAL B 251 -15.54 -19.04 4.30
CA VAL B 251 -14.24 -19.34 3.68
C VAL B 251 -14.47 -19.54 2.19
N PRO B 252 -13.76 -18.81 1.32
CA PRO B 252 -13.98 -18.96 -0.11
C PRO B 252 -13.72 -20.38 -0.59
N THR B 253 -14.40 -20.76 -1.68
CA THR B 253 -14.19 -22.08 -2.26
C THR B 253 -12.75 -22.27 -2.70
N SER B 254 -12.16 -21.24 -3.33
CA SER B 254 -10.78 -21.34 -3.80
C SER B 254 -9.82 -21.71 -2.68
N SER B 255 -10.20 -21.48 -1.42
CA SER B 255 -9.35 -21.81 -0.29
C SER B 255 -9.61 -23.20 0.27
N ILE B 256 -10.70 -23.85 -0.11
CA ILE B 256 -10.96 -25.22 0.29
C ILE B 256 -10.11 -26.13 -0.59
N VAL B 257 -9.24 -26.92 0.04
CA VAL B 257 -8.25 -27.70 -0.71
C VAL B 257 -8.22 -29.15 -0.27
N THR B 258 -9.23 -29.59 0.49
CA THR B 258 -9.28 -30.98 0.94
C THR B 258 -10.72 -31.48 0.90
N THR B 259 -10.85 -32.79 1.04
CA THR B 259 -12.16 -33.41 1.20
C THR B 259 -12.75 -33.01 2.56
N THR B 260 -13.99 -33.44 2.79
CA THR B 260 -14.70 -33.17 4.03
C THR B 260 -14.78 -34.45 4.86
N CYS B 261 -14.66 -34.30 6.18
CA CYS B 261 -14.66 -35.43 7.09
C CYS B 261 -15.65 -35.19 8.21
N LEU B 262 -16.65 -36.05 8.32
CA LEU B 262 -17.59 -36.01 9.44
C LEU B 262 -16.91 -36.61 10.66
N ALA B 263 -16.62 -35.79 11.65
CA ALA B 263 -15.84 -36.22 12.79
C ALA B 263 -16.69 -36.68 13.98
N HIS B 264 -17.79 -35.99 14.27
CA HIS B 264 -18.59 -36.32 15.44
C HIS B 264 -20.04 -35.99 15.18
N THR B 265 -20.92 -36.66 15.94
CA THR B 265 -22.35 -36.44 15.87
C THR B 265 -22.92 -36.43 17.28
N VAL B 266 -23.90 -35.56 17.51
CA VAL B 266 -24.61 -35.51 18.78
C VAL B 266 -26.10 -35.55 18.49
N ASN B 267 -26.86 -36.16 19.40
CA ASN B 267 -28.30 -36.25 19.30
C ASN B 267 -28.93 -35.74 20.58
N ILE B 268 -29.98 -34.93 20.44
CA ILE B 268 -30.54 -34.23 21.59
C ILE B 268 -31.02 -35.22 22.66
N ALA B 269 -31.47 -36.41 22.24
CA ALA B 269 -31.92 -37.40 23.21
C ALA B 269 -30.77 -37.97 24.03
N SER B 270 -29.55 -37.95 23.50
CA SER B 270 -28.39 -38.47 24.19
C SER B 270 -27.57 -37.41 24.89
N ILE B 271 -27.75 -36.14 24.52
CA ILE B 271 -26.94 -35.08 25.12
C ILE B 271 -27.19 -35.03 26.61
N ASN B 272 -26.11 -34.90 27.38
CA ASN B 272 -26.18 -34.87 28.83
C ASN B 272 -26.46 -33.46 29.33
N ASN B 273 -27.07 -33.37 30.50
CA ASN B 273 -27.41 -32.08 31.08
C ASN B 273 -26.14 -31.35 31.53
N LEU B 274 -26.25 -30.03 31.62
CA LEU B 274 -25.12 -29.16 31.92
C LEU B 274 -25.31 -28.37 33.21
N ASP B 275 -26.39 -28.62 33.95
CA ASP B 275 -26.63 -27.86 35.18
C ASP B 275 -25.61 -28.20 36.26
N ASP B 276 -25.15 -29.45 36.31
CA ASP B 276 -24.12 -29.85 37.27
C ASP B 276 -22.72 -29.55 36.74
N LYS B 277 -22.33 -30.21 35.65
CA LYS B 277 -21.04 -30.00 35.03
C LYS B 277 -21.24 -29.73 33.54
N SER B 278 -20.42 -28.85 32.99
CA SER B 278 -20.52 -28.45 31.59
C SER B 278 -19.78 -29.38 30.65
N SER B 279 -19.07 -30.38 31.17
CA SER B 279 -18.18 -31.21 30.37
C SER B 279 -18.81 -32.53 29.93
N LEU B 280 -20.04 -32.82 30.35
CA LEU B 280 -20.65 -34.12 30.14
C LEU B 280 -20.89 -34.44 28.67
N ASN B 281 -20.58 -33.52 27.77
CA ASN B 281 -20.64 -33.79 26.34
C ASN B 281 -19.33 -33.55 25.62
N ASP B 282 -18.28 -33.16 26.32
CA ASP B 282 -16.97 -33.00 25.69
C ASP B 282 -16.59 -34.28 24.95
N PHE B 283 -15.88 -34.12 23.84
CA PHE B 283 -15.54 -35.26 23.00
C PHE B 283 -14.17 -35.07 22.36
N VAL B 284 -13.51 -36.20 22.12
CA VAL B 284 -12.26 -36.23 21.38
C VAL B 284 -12.42 -37.25 20.26
N VAL B 285 -12.34 -36.77 19.02
CA VAL B 285 -12.59 -37.63 17.86
C VAL B 285 -11.50 -37.44 16.83
N PRO B 286 -11.10 -38.49 16.11
CA PRO B 286 -10.15 -38.33 15.01
C PRO B 286 -10.86 -37.80 13.77
N PHE B 287 -10.04 -37.37 12.81
CA PHE B 287 -10.55 -37.01 11.49
C PHE B 287 -9.44 -37.22 10.48
N SER B 288 -9.83 -37.27 9.21
CA SER B 288 -8.88 -37.38 8.12
C SER B 288 -9.53 -36.86 6.86
N VAL B 289 -8.81 -35.99 6.14
CA VAL B 289 -9.26 -35.47 4.86
C VAL B 289 -8.14 -35.71 3.85
N ARG B 290 -8.50 -35.64 2.57
CA ARG B 290 -7.55 -35.85 1.47
C ARG B 290 -7.44 -34.57 0.67
N ALA B 291 -6.20 -34.13 0.44
CA ALA B 291 -5.98 -32.93 -0.35
C ALA B 291 -6.50 -33.12 -1.77
N THR B 292 -7.29 -32.15 -2.24
CA THR B 292 -7.82 -32.20 -3.60
C THR B 292 -6.80 -31.76 -4.64
N LYS B 293 -5.65 -31.25 -4.22
CA LYS B 293 -4.61 -30.80 -5.14
C LYS B 293 -3.37 -30.50 -4.31
N ASP B 294 -2.22 -30.46 -4.99
CA ASP B 294 -1.00 -29.98 -4.37
C ASP B 294 -1.26 -28.64 -3.70
N THR B 295 -1.14 -28.59 -2.38
CA THR B 295 -1.51 -27.40 -1.64
C THR B 295 -0.71 -27.37 -0.33
N THR B 296 -0.99 -26.35 0.47
CA THR B 296 -0.41 -26.20 1.80
C THR B 296 -1.53 -25.71 2.71
N VAL B 297 -2.00 -26.58 3.60
CA VAL B 297 -3.12 -26.26 4.48
C VAL B 297 -2.61 -25.52 5.69
N ASN B 298 -3.12 -24.31 5.91
CA ASN B 298 -2.75 -23.50 7.07
C ASN B 298 -3.97 -23.12 7.91
N PHE B 299 -5.14 -23.65 7.57
CA PHE B 299 -6.35 -23.45 8.35
C PHE B 299 -7.17 -24.73 8.34
N LEU B 300 -7.81 -25.03 9.45
CA LEU B 300 -8.83 -26.07 9.52
C LEU B 300 -10.17 -25.41 9.77
N THR B 301 -11.16 -25.77 8.98
CA THR B 301 -12.48 -25.16 9.03
C THR B 301 -13.51 -26.21 9.40
N PHE B 302 -14.49 -25.81 10.23
CA PHE B 302 -15.47 -26.72 10.78
C PHE B 302 -16.87 -26.27 10.40
N TYR B 303 -17.63 -27.15 9.77
CA TYR B 303 -18.99 -26.87 9.36
C TYR B 303 -19.96 -27.69 10.20
N ILE B 304 -21.13 -27.12 10.46
CA ILE B 304 -22.16 -27.75 11.27
C ILE B 304 -23.38 -28.01 10.39
N ASP B 305 -23.88 -29.24 10.44
CA ASP B 305 -25.14 -29.59 9.81
C ASP B 305 -26.16 -29.95 10.88
N ALA B 306 -27.41 -30.05 10.47
CA ALA B 306 -28.49 -30.42 11.36
C ALA B 306 -29.41 -31.41 10.66
N ARG B 307 -29.99 -32.31 11.44
CA ARG B 307 -30.91 -33.32 10.93
C ARG B 307 -32.13 -33.40 11.83
N PHE B 308 -33.28 -33.65 11.23
CA PHE B 308 -34.50 -33.92 11.97
C PHE B 308 -35.11 -35.20 11.39
N THR B 309 -35.19 -36.23 12.22
CA THR B 309 -35.75 -37.51 11.82
C THR B 309 -36.90 -37.84 12.77
N ASN B 310 -38.12 -37.84 12.25
CA ASN B 310 -39.30 -38.15 13.05
C ASN B 310 -39.81 -39.53 12.70
N PRO B 311 -39.71 -40.52 13.61
CA PRO B 311 -40.21 -41.86 13.27
C PRO B 311 -41.71 -41.90 13.03
N HIS B 312 -42.48 -41.06 13.72
CA HIS B 312 -43.92 -41.04 13.52
C HIS B 312 -44.30 -40.38 12.20
N ASP B 313 -43.52 -39.39 11.76
CA ASP B 313 -43.76 -38.68 10.51
C ASP B 313 -42.47 -38.73 9.70
N PRO B 314 -42.20 -39.86 9.02
CA PRO B 314 -40.94 -39.97 8.28
C PRO B 314 -40.80 -38.96 7.16
N GLY B 315 -41.90 -38.54 6.53
CA GLY B 315 -41.80 -37.60 5.43
C GLY B 315 -41.35 -36.22 5.86
N ALA B 316 -41.66 -35.83 7.10
CA ALA B 316 -41.33 -34.50 7.60
C ALA B 316 -39.86 -34.33 7.94
N ASN B 317 -39.03 -35.37 7.75
CA ASN B 317 -37.61 -35.24 8.04
C ASN B 317 -36.98 -34.19 7.14
N PHE B 318 -35.85 -33.65 7.60
CA PHE B 318 -35.09 -32.72 6.79
C PHE B 318 -33.62 -32.80 7.18
N VAL B 319 -32.79 -32.12 6.39
CA VAL B 319 -31.36 -32.02 6.66
C VAL B 319 -30.91 -30.61 6.27
N LEU B 320 -30.44 -29.84 7.24
CA LEU B 320 -29.74 -28.60 6.97
C LEU B 320 -28.29 -28.97 6.68
N GLY B 321 -28.02 -29.32 5.42
CA GLY B 321 -26.76 -29.89 5.04
C GLY B 321 -25.63 -28.89 5.03
N VAL B 322 -24.45 -29.39 4.67
CA VAL B 322 -23.22 -28.62 4.67
C VAL B 322 -22.58 -28.71 3.30
N ARG B 323 -22.11 -27.56 2.79
CA ARG B 323 -21.48 -27.49 1.48
C ARG B 323 -20.35 -26.47 1.57
N PRO B 324 -19.16 -26.89 2.00
CA PRO B 324 -18.03 -25.96 2.08
C PRO B 324 -17.88 -25.15 0.81
N GLY B 325 -17.56 -23.87 0.99
CA GLY B 325 -17.46 -22.94 -0.12
C GLY B 325 -18.78 -22.33 -0.56
N GLY B 326 -19.91 -22.88 -0.12
CA GLY B 326 -21.21 -22.39 -0.53
C GLY B 326 -22.06 -21.92 0.63
N THR B 327 -23.33 -21.61 0.35
CA THR B 327 -24.23 -21.18 1.41
C THR B 327 -24.49 -22.32 2.39
N ASN B 328 -24.34 -22.02 3.67
CA ASN B 328 -24.52 -23.00 4.74
C ASN B 328 -25.44 -22.43 5.79
N PRO B 329 -26.12 -23.29 6.55
CA PRO B 329 -27.05 -22.77 7.59
C PRO B 329 -26.34 -22.04 8.71
N TRP B 330 -25.05 -22.29 8.91
CA TRP B 330 -24.27 -21.57 9.90
C TRP B 330 -22.93 -21.18 9.29
N THR B 331 -22.41 -20.04 9.72
CA THR B 331 -21.08 -19.62 9.30
C THR B 331 -20.06 -20.56 9.88
N GLU B 332 -19.25 -21.17 9.01
CA GLU B 332 -18.20 -22.06 9.46
C GLU B 332 -17.21 -21.34 10.36
N THR B 333 -16.54 -22.12 11.20
CA THR B 333 -15.50 -21.61 12.07
C THR B 333 -14.15 -22.18 11.63
N SER B 334 -13.11 -21.38 11.79
CA SER B 334 -11.77 -21.74 11.33
C SER B 334 -10.77 -21.55 12.46
N VAL B 335 -9.71 -22.38 12.42
CA VAL B 335 -8.60 -22.27 13.34
C VAL B 335 -7.32 -22.22 12.52
N ALA B 336 -6.43 -21.32 12.87
CA ALA B 336 -5.18 -21.15 12.13
C ALA B 336 -4.14 -22.15 12.64
N LEU B 337 -3.68 -23.02 11.75
CA LEU B 337 -2.65 -23.99 12.12
C LEU B 337 -1.32 -23.28 12.33
N HIS B 338 -0.66 -23.58 13.45
CA HIS B 338 0.57 -22.88 13.79
C HIS B 338 1.70 -23.19 12.82
N GLU B 339 1.68 -24.36 12.19
CA GLU B 339 2.66 -24.73 11.17
C GLU B 339 1.90 -25.24 9.96
N PRO B 340 2.07 -24.63 8.78
CA PRO B 340 1.34 -25.11 7.59
C PRO B 340 1.70 -26.55 7.26
N LEU B 341 0.75 -27.23 6.61
CA LEU B 341 0.88 -28.64 6.28
C LEU B 341 0.92 -28.80 4.77
N PRO B 342 2.10 -28.90 4.14
CA PRO B 342 2.14 -29.08 2.69
C PRO B 342 1.72 -30.49 2.31
N LEU B 343 0.86 -30.58 1.29
CA LEU B 343 0.24 -31.84 0.90
C LEU B 343 0.30 -32.02 -0.61
N LYS B 344 0.54 -33.25 -1.03
CA LYS B 344 0.35 -33.61 -2.43
C LYS B 344 -1.12 -33.92 -2.68
N GLY B 345 -1.51 -33.85 -3.95
CA GLY B 345 -2.84 -34.27 -4.34
C GLY B 345 -3.11 -35.69 -3.87
N GLY B 346 -4.23 -35.89 -3.19
CA GLY B 346 -4.58 -37.19 -2.65
C GLY B 346 -3.96 -37.51 -1.31
N GLU B 347 -2.98 -36.74 -0.86
CA GLU B 347 -2.35 -37.02 0.42
C GLU B 347 -3.32 -36.80 1.57
N VAL B 348 -3.23 -37.65 2.58
CA VAL B 348 -4.15 -37.60 3.71
C VAL B 348 -3.64 -36.61 4.73
N LEU B 349 -4.52 -35.70 5.14
CA LEU B 349 -4.30 -34.87 6.32
C LEU B 349 -5.11 -35.50 7.45
N SER B 350 -4.42 -36.13 8.39
CA SER B 350 -5.05 -36.75 9.55
C SER B 350 -4.92 -35.84 10.76
N GLY B 351 -5.81 -36.05 11.72
CA GLY B 351 -5.81 -35.19 12.89
C GLY B 351 -6.79 -35.67 13.95
N GLU B 352 -7.00 -34.79 14.92
CA GLU B 352 -7.84 -35.07 16.07
C GLU B 352 -8.49 -33.76 16.50
N LEU B 353 -9.77 -33.83 16.85
CA LEU B 353 -10.52 -32.67 17.30
C LEU B 353 -11.02 -32.93 18.72
N LYS B 354 -10.63 -32.05 19.65
CA LYS B 354 -11.06 -32.12 21.04
C LYS B 354 -11.83 -30.86 21.37
N VAL B 355 -13.07 -31.03 21.84
CA VAL B 355 -13.97 -29.92 22.13
C VAL B 355 -14.40 -30.01 23.59
N CYS B 356 -14.25 -28.91 24.31
CA CYS B 356 -14.62 -28.86 25.72
C CYS B 356 -15.44 -27.61 25.99
N LEU B 357 -16.61 -27.81 26.57
CA LEU B 357 -17.48 -26.70 26.97
C LEU B 357 -17.16 -26.29 28.39
N LEU B 358 -16.80 -25.03 28.58
CA LEU B 358 -16.47 -24.51 29.90
C LEU B 358 -17.60 -23.73 30.55
N ASN B 359 -18.41 -23.03 29.76
CA ASN B 359 -19.49 -22.19 30.29
C ASN B 359 -20.70 -22.35 29.38
N PRO B 360 -21.70 -23.15 29.77
CA PRO B 360 -22.85 -23.33 28.88
C PRO B 360 -23.59 -22.04 28.59
N THR B 361 -23.68 -21.13 29.56
CA THR B 361 -24.49 -19.93 29.38
C THR B 361 -23.86 -18.97 28.37
N ARG B 362 -22.54 -18.88 28.35
CA ARG B 362 -21.83 -18.00 27.45
C ARG B 362 -21.19 -18.74 26.28
N GLY B 363 -21.39 -20.05 26.17
CA GLY B 363 -20.83 -20.81 25.06
C GLY B 363 -19.32 -20.84 25.03
N ILE B 364 -18.66 -20.55 26.16
CA ILE B 364 -17.20 -20.54 26.19
C ILE B 364 -16.69 -21.95 25.91
N THR B 365 -15.83 -22.08 24.90
CA THR B 365 -15.39 -23.37 24.43
C THR B 365 -13.89 -23.33 24.18
N THR B 366 -13.22 -24.45 24.45
CA THR B 366 -11.85 -24.67 24.01
C THR B 366 -11.87 -25.74 22.93
N VAL B 367 -11.09 -25.51 21.88
CA VAL B 367 -11.00 -26.43 20.75
C VAL B 367 -9.53 -26.73 20.56
N GLU B 368 -9.12 -27.95 20.93
CA GLU B 368 -7.75 -28.43 20.70
C GLU B 368 -7.75 -29.24 19.42
N VAL B 369 -6.81 -28.91 18.53
CA VAL B 369 -6.74 -29.51 17.21
C VAL B 369 -5.33 -30.02 16.97
N THR B 370 -5.22 -31.28 16.55
CA THR B 370 -3.98 -31.85 16.05
C THR B 370 -4.19 -32.19 14.58
N ALA B 371 -3.21 -31.85 13.75
CA ALA B 371 -3.29 -32.08 12.32
C ALA B 371 -1.90 -32.39 11.79
N ARG B 372 -1.82 -33.35 10.87
CA ARG B 372 -0.53 -33.80 10.35
C ARG B 372 -0.67 -34.19 8.89
N THR B 373 0.45 -34.16 8.19
CA THR B 373 0.51 -34.66 6.81
C THR B 373 0.66 -36.18 6.85
N SER B 374 0.88 -36.77 5.67
CA SER B 374 1.22 -38.18 5.59
C SER B 374 2.67 -38.42 5.21
N GLY B 375 3.41 -37.38 4.85
CA GLY B 375 4.83 -37.47 4.61
C GLY B 375 5.26 -37.34 3.16
N ASN B 376 4.32 -37.22 2.22
CA ASN B 376 4.69 -37.18 0.81
C ASN B 376 5.61 -35.99 0.53
N VAL B 377 5.27 -34.82 1.04
CA VAL B 377 6.14 -33.66 0.94
C VAL B 377 7.09 -33.59 2.12
N VAL B 378 6.54 -33.63 3.33
CA VAL B 378 7.33 -33.61 4.55
C VAL B 378 6.42 -34.02 5.69
N ASN B 379 6.98 -34.76 6.65
CA ASN B 379 6.24 -35.18 7.83
C ASN B 379 6.14 -33.99 8.78
N ILE B 380 4.94 -33.47 8.95
CA ILE B 380 4.69 -32.36 9.86
C ILE B 380 3.43 -32.67 10.67
N GLU B 381 3.51 -32.43 11.97
CA GLU B 381 2.36 -32.45 12.85
C GLU B 381 2.31 -31.13 13.59
N THR B 382 1.12 -30.55 13.69
CA THR B 382 0.93 -29.27 14.35
C THR B 382 -0.26 -29.37 15.29
N LYS B 383 -0.12 -28.78 16.47
CA LYS B 383 -1.17 -28.74 17.47
C LYS B 383 -1.54 -27.30 17.77
N GLY B 384 -2.76 -27.10 18.25
CA GLY B 384 -3.21 -25.76 18.60
C GLY B 384 -4.47 -25.76 19.42
N THR B 385 -4.49 -24.95 20.48
CA THR B 385 -5.69 -24.74 21.28
C THR B 385 -6.31 -23.41 20.88
N TYR B 386 -7.63 -23.40 20.70
CA TYR B 386 -8.33 -22.22 20.23
C TYR B 386 -9.56 -22.00 21.10
N ASN B 387 -9.94 -20.73 21.24
CA ASN B 387 -11.01 -20.33 22.14
C ASN B 387 -12.17 -19.76 21.33
N TYR B 388 -13.38 -20.21 21.62
CA TYR B 388 -14.59 -19.68 21.02
C TYR B 388 -15.52 -19.19 22.12
N GLN B 389 -16.24 -18.11 21.82
CA GLN B 389 -17.17 -17.52 22.77
C GLN B 389 -18.43 -17.10 22.02
N ARG B 390 -19.58 -17.34 22.63
CA ARG B 390 -20.84 -16.85 22.10
C ARG B 390 -21.20 -15.49 22.70
N TYR B 391 -21.12 -15.39 24.03
CA TYR B 391 -21.44 -14.15 24.73
C TYR B 391 -20.30 -13.78 25.67
N ASP C 20 29.32 -1.08 -7.92
CA ASP C 20 29.67 -0.47 -6.65
C ASP C 20 28.72 0.67 -6.30
N SER C 21 27.88 1.06 -7.25
CA SER C 21 26.86 2.07 -7.00
C SER C 21 25.80 1.62 -6.00
N TYR C 22 25.86 0.38 -5.54
CA TYR C 22 24.91 -0.12 -4.55
C TYR C 22 25.22 0.35 -3.14
N SER C 23 26.30 1.10 -2.93
CA SER C 23 26.51 1.79 -1.67
C SER C 23 25.59 2.99 -1.52
N HIS C 24 24.86 3.34 -2.56
CA HIS C 24 23.92 4.46 -2.54
C HIS C 24 22.50 3.92 -2.35
N TYR C 25 21.67 4.70 -1.66
CA TYR C 25 20.36 4.21 -1.25
C TYR C 25 19.37 4.10 -2.40
N GLY C 26 19.56 4.86 -3.48
CA GLY C 26 18.55 4.94 -4.52
C GLY C 26 18.23 3.59 -5.13
N ILE C 27 19.26 2.82 -5.49
CA ILE C 27 19.03 1.56 -6.18
C ILE C 27 18.32 0.57 -5.26
N HIS C 28 18.69 0.55 -3.98
CA HIS C 28 18.04 -0.37 -3.05
C HIS C 28 16.60 0.01 -2.79
N GLU C 30 14.70 1.58 -4.99
CA GLU C 30 14.02 1.21 -6.22
C GLU C 30 13.63 -0.26 -6.21
N LEU C 32 13.43 -2.34 -3.50
CA LEU C 32 12.52 -2.65 -2.40
C LEU C 32 11.13 -2.12 -2.67
N LYS C 33 11.03 -0.93 -3.27
CA LYS C 33 9.73 -0.40 -3.68
C LYS C 33 9.15 -1.16 -4.86
N ASP C 34 9.92 -2.06 -5.47
CA ASP C 34 9.39 -2.98 -6.48
C ASP C 34 8.70 -4.10 -5.73
N CYS C 35 7.39 -3.93 -5.53
CA CYS C 35 6.66 -4.87 -4.66
C CYS C 35 6.68 -6.27 -5.24
N HIS C 36 6.50 -6.41 -6.55
CA HIS C 36 6.40 -7.75 -7.13
C HIS C 36 7.69 -8.53 -6.92
N ARG C 37 8.84 -7.88 -7.17
CA ARG C 37 10.12 -8.56 -7.02
C ARG C 37 10.31 -9.03 -5.58
N THR C 38 10.14 -8.12 -4.61
CA THR C 38 10.44 -8.45 -3.23
C THR C 38 9.44 -9.45 -2.67
N THR C 39 8.14 -9.26 -2.94
CA THR C 39 7.15 -10.20 -2.45
C THR C 39 7.26 -11.55 -3.16
N SER C 40 7.75 -11.56 -4.39
CA SER C 40 7.97 -12.83 -5.07
C SER C 40 8.99 -13.68 -4.31
N TYR C 41 10.12 -13.08 -3.94
CA TYR C 41 11.09 -13.79 -3.12
C TYR C 41 10.52 -14.10 -1.74
N ARG C 42 9.91 -13.11 -1.10
CA ARG C 42 9.28 -13.31 0.20
C ARG C 42 8.34 -14.52 0.17
N ASP C 43 7.37 -14.50 -0.75
CA ASP C 43 6.39 -15.58 -0.80
C ASP C 43 7.02 -16.90 -1.19
N ALA C 44 7.93 -16.88 -2.18
CA ALA C 44 8.61 -18.10 -2.58
C ALA C 44 9.16 -18.86 -1.37
N TRP C 46 8.18 -18.15 2.12
CA TRP C 46 7.22 -18.31 3.20
C TRP C 46 6.09 -19.27 2.86
N ARG C 47 5.82 -19.52 1.58
CA ARG C 47 4.90 -20.59 1.23
C ARG C 47 5.58 -21.95 1.20
N ASN C 48 6.91 -21.97 1.32
CA ASN C 48 7.68 -23.22 1.37
C ASN C 48 8.58 -23.23 2.59
N ALA C 49 8.11 -22.61 3.68
CA ALA C 49 8.92 -22.53 4.90
C ALA C 49 9.43 -23.89 5.34
N TYR C 50 8.69 -24.95 5.04
CA TYR C 50 9.15 -26.30 5.40
C TYR C 50 10.53 -26.58 4.81
N LEU C 51 10.85 -25.99 3.65
CA LEU C 51 12.15 -26.21 3.03
C LEU C 51 13.29 -25.57 3.81
N PHE C 52 12.99 -24.60 4.67
CA PHE C 52 14.02 -23.82 5.33
C PHE C 52 14.34 -24.30 6.74
N LYS C 53 13.49 -25.14 7.34
CA LYS C 53 13.69 -25.53 8.73
C LYS C 53 15.03 -26.21 8.92
N ASP C 54 15.86 -25.65 9.80
CA ASP C 54 17.15 -26.24 10.16
C ASP C 54 18.11 -26.28 8.97
N LYS C 55 17.94 -25.35 8.03
CA LYS C 55 18.74 -25.34 6.80
C LYS C 55 19.65 -24.12 6.78
N VAL C 56 20.70 -24.22 5.97
CA VAL C 56 21.68 -23.16 5.77
C VAL C 56 21.37 -22.46 4.46
N VAL C 57 21.15 -21.15 4.53
CA VAL C 57 20.78 -20.35 3.37
C VAL C 57 21.93 -19.40 3.05
N LEU C 58 22.21 -19.24 1.75
CA LEU C 58 23.16 -18.25 1.26
C LEU C 58 22.41 -17.23 0.43
N ASP C 59 22.50 -15.97 0.82
CA ASP C 59 21.89 -14.87 0.09
C ASP C 59 22.99 -14.18 -0.71
N VAL C 60 23.12 -14.54 -1.98
CA VAL C 60 24.16 -14.01 -2.85
C VAL C 60 23.76 -12.60 -3.27
N GLY C 61 24.49 -11.60 -2.78
CA GLY C 61 24.14 -10.21 -3.05
C GLY C 61 22.99 -9.76 -2.18
N CYS C 62 23.16 -9.87 -0.86
CA CYS C 62 22.05 -9.62 0.06
C CYS C 62 21.59 -8.17 0.00
N GLY C 63 22.47 -7.25 -0.40
CA GLY C 63 22.09 -5.84 -0.44
C GLY C 63 21.72 -5.35 0.95
N THR C 64 20.48 -4.90 1.10
CA THR C 64 20.00 -4.45 2.40
C THR C 64 19.73 -5.61 3.36
N GLY C 65 19.86 -6.86 2.90
CA GLY C 65 19.59 -8.01 3.72
C GLY C 65 18.16 -8.51 3.69
N ILE C 66 17.29 -7.83 2.94
CA ILE C 66 15.86 -8.14 2.99
C ILE C 66 15.61 -9.64 2.78
N LEU C 67 16.29 -10.24 1.79
CA LEU C 67 16.04 -11.64 1.50
C LEU C 67 16.58 -12.56 2.58
N SER C 68 17.68 -12.18 3.23
CA SER C 68 18.19 -12.99 4.32
C SER C 68 17.20 -13.03 5.48
N PHE C 70 13.85 -12.60 5.17
CA PHE C 70 12.79 -13.48 4.69
C PHE C 70 13.15 -14.94 4.97
N ALA C 71 14.37 -15.33 4.65
CA ALA C 71 14.80 -16.71 4.87
C ALA C 71 14.80 -17.04 6.36
N ALA C 72 15.27 -16.12 7.20
CA ALA C 72 15.28 -16.36 8.63
C ALA C 72 13.86 -16.59 9.15
N LYS C 73 12.94 -15.67 8.82
CA LYS C 73 11.55 -15.83 9.26
C LYS C 73 10.95 -17.12 8.73
N ALA C 74 11.44 -17.62 7.60
CA ALA C 74 10.96 -18.89 7.08
C ALA C 74 11.41 -20.08 7.93
N GLY C 75 12.34 -19.87 8.86
CA GLY C 75 12.78 -20.91 9.77
C GLY C 75 14.20 -21.40 9.56
N ALA C 76 15.02 -20.71 8.78
CA ALA C 76 16.37 -21.17 8.51
C ALA C 76 17.19 -21.16 9.80
N ARG C 77 18.01 -22.20 9.98
CA ARG C 77 18.91 -22.26 11.13
C ARG C 77 20.03 -21.23 10.99
N LYS C 78 20.54 -21.04 9.78
CA LYS C 78 21.62 -20.10 9.54
C LYS C 78 21.44 -19.51 8.15
N VAL C 79 21.60 -18.20 8.05
CA VAL C 79 21.54 -17.49 6.78
C VAL C 79 22.85 -16.71 6.62
N ILE C 80 23.35 -16.67 5.39
CA ILE C 80 24.62 -16.02 5.08
C ILE C 80 24.38 -15.08 3.91
N GLY C 81 24.35 -13.78 4.19
CA GLY C 81 24.20 -12.77 3.17
C GLY C 81 25.54 -12.18 2.81
N VAL C 82 25.89 -12.28 1.53
CA VAL C 82 27.15 -11.79 1.01
C VAL C 82 26.89 -10.63 0.07
N ASP C 83 27.66 -9.56 0.21
CA ASP C 83 27.54 -8.40 -0.66
C ASP C 83 28.88 -7.69 -0.70
N CYS C 84 29.34 -7.35 -1.92
CA CYS C 84 30.66 -6.77 -2.10
C CYS C 84 30.67 -5.26 -1.93
N SER C 85 29.53 -4.62 -1.71
CA SER C 85 29.46 -3.17 -1.60
C SER C 85 29.32 -2.75 -0.13
N THR C 86 29.43 -1.45 0.09
CA THR C 86 29.38 -0.90 1.45
C THR C 86 28.02 -1.13 2.11
N VAL C 87 26.98 -1.39 1.32
CA VAL C 87 25.65 -1.59 1.90
C VAL C 87 25.67 -2.71 2.93
N ALA C 88 26.58 -3.67 2.78
CA ALA C 88 26.68 -4.77 3.73
C ALA C 88 26.77 -4.27 5.16
N VAL C 89 27.38 -3.11 5.37
CA VAL C 89 27.45 -2.53 6.71
C VAL C 89 26.04 -2.27 7.24
N GLN C 90 25.24 -1.52 6.48
CA GLN C 90 23.86 -1.29 6.89
C GLN C 90 23.10 -2.60 7.04
N ALA C 91 23.33 -3.55 6.13
CA ALA C 91 22.66 -4.84 6.22
C ALA C 91 22.94 -5.50 7.55
N ARG C 92 24.21 -5.51 7.99
CA ARG C 92 24.55 -6.13 9.25
C ARG C 92 23.85 -5.43 10.42
N GLU C 93 23.65 -4.12 10.33
CA GLU C 93 22.94 -3.40 11.37
C GLU C 93 21.44 -3.68 11.31
N ILE C 94 20.91 -3.80 10.09
CA ILE C 94 19.48 -4.06 9.92
C ILE C 94 19.12 -5.43 10.50
N VAL C 95 19.89 -6.46 10.16
CA VAL C 95 19.60 -7.79 10.68
C VAL C 95 19.63 -7.79 12.20
N LYS C 96 20.49 -6.96 12.80
CA LYS C 96 20.53 -6.86 14.26
C LYS C 96 19.34 -6.09 14.79
N ASP C 97 18.91 -5.04 14.09
CA ASP C 97 17.80 -4.23 14.56
C ASP C 97 16.50 -5.03 14.65
N ASN C 98 16.42 -6.18 13.99
CA ASN C 98 15.22 -7.00 14.00
C ASN C 98 15.41 -8.32 14.71
N GLY C 99 16.56 -8.54 15.34
CA GLY C 99 16.76 -9.71 16.18
C GLY C 99 17.24 -10.95 15.49
N PHE C 100 17.74 -10.85 14.26
CA PHE C 100 18.27 -12.00 13.54
C PHE C 100 19.79 -12.08 13.64
N GLU C 101 20.39 -11.46 14.66
CA GLU C 101 21.84 -11.45 14.77
C GLU C 101 22.41 -12.86 14.88
N ASP C 102 21.70 -13.74 15.60
CA ASP C 102 22.17 -15.10 15.83
C ASP C 102 21.82 -16.06 14.70
N VAL C 103 21.18 -15.57 13.63
CA VAL C 103 20.79 -16.40 12.50
C VAL C 103 21.41 -15.92 11.21
N ILE C 104 21.41 -14.62 10.97
CA ILE C 104 21.90 -14.04 9.72
C ILE C 104 23.29 -13.48 9.95
N THR C 105 24.25 -13.95 9.16
CA THR C 105 25.61 -13.41 9.15
C THR C 105 25.83 -12.68 7.83
N ILE C 106 26.29 -11.44 7.92
CA ILE C 106 26.52 -10.59 6.75
C ILE C 106 28.01 -10.54 6.47
N ILE C 107 28.41 -10.99 5.29
CA ILE C 107 29.80 -10.96 4.85
C ILE C 107 29.93 -9.89 3.78
N GLN C 108 30.98 -9.07 3.88
CA GLN C 108 31.27 -8.05 2.88
C GLN C 108 32.40 -8.56 1.99
N GLY C 109 32.06 -8.86 0.75
CA GLY C 109 33.03 -9.36 -0.20
C GLY C 109 32.34 -10.05 -1.36
N LYS C 110 33.16 -10.44 -2.33
CA LYS C 110 32.66 -11.16 -3.50
C LYS C 110 32.41 -12.62 -3.14
N VAL C 111 31.27 -13.14 -3.59
CA VAL C 111 30.95 -14.54 -3.32
C VAL C 111 31.99 -15.46 -3.94
N GLU C 112 32.58 -15.06 -5.07
CA GLU C 112 33.60 -15.89 -5.70
C GLU C 112 34.83 -16.02 -4.82
N GLU C 113 35.10 -15.03 -3.98
CA GLU C 113 36.34 -14.94 -3.24
C GLU C 113 36.16 -15.25 -1.75
N ILE C 114 35.07 -15.92 -1.38
CA ILE C 114 34.82 -16.27 0.01
C ILE C 114 34.51 -17.76 0.09
N GLN C 115 34.78 -18.33 1.26
CA GLN C 115 34.54 -19.75 1.50
C GLN C 115 33.93 -19.92 2.88
N LEU C 116 33.03 -20.89 3.00
CA LEU C 116 32.22 -21.06 4.21
C LEU C 116 32.54 -22.40 4.87
N ASP C 117 32.20 -22.47 6.16
CA ASP C 117 32.44 -23.70 6.92
C ASP C 117 31.63 -24.86 6.34
N GLU C 118 30.31 -24.71 6.32
CA GLU C 118 29.40 -25.75 5.85
C GLU C 118 29.02 -25.50 4.39
N LYS C 119 28.53 -26.56 3.75
CA LYS C 119 27.89 -26.41 2.45
C LYS C 119 26.45 -25.95 2.68
N VAL C 120 26.02 -24.96 1.91
CA VAL C 120 24.72 -24.34 2.12
C VAL C 120 23.64 -25.17 1.44
N ASP C 121 22.49 -25.28 2.09
CA ASP C 121 21.39 -26.05 1.54
C ASP C 121 20.55 -25.26 0.54
N ILE C 122 20.49 -23.94 0.70
CA ILE C 122 19.65 -23.09 -0.13
C ILE C 122 20.45 -21.87 -0.54
N ILE C 123 20.26 -21.41 -1.78
CA ILE C 123 20.88 -20.19 -2.28
C ILE C 123 19.77 -19.31 -2.83
N ILE C 124 19.59 -18.14 -2.21
CA ILE C 124 18.66 -17.13 -2.68
C ILE C 124 19.48 -15.97 -3.24
N SER C 125 18.96 -15.34 -4.30
CA SER C 125 19.64 -14.18 -4.86
C SER C 125 18.77 -13.55 -5.93
N GLU C 126 18.80 -12.22 -6.01
CA GLU C 126 18.22 -11.48 -7.13
C GLU C 126 19.40 -11.06 -8.00
N TRP C 127 19.71 -11.92 -8.98
CA TRP C 127 20.83 -11.73 -9.88
C TRP C 127 20.41 -11.18 -11.23
N GLY C 129 19.30 -8.96 -14.35
CA GLY C 129 19.43 -7.62 -14.87
C GLY C 129 18.47 -7.36 -16.02
N TYR C 130 18.60 -6.18 -16.61
CA TYR C 130 17.89 -5.90 -17.84
C TYR C 130 18.25 -6.96 -18.87
N PHE C 131 17.26 -7.39 -19.65
CA PHE C 131 17.46 -8.47 -20.61
C PHE C 131 17.81 -9.78 -19.92
N LEU C 132 17.61 -9.85 -18.59
CA LEU C 132 17.89 -11.01 -17.75
C LEU C 132 19.39 -11.22 -17.53
N LEU C 133 20.22 -10.86 -18.50
CA LEU C 133 21.63 -11.21 -18.47
C LEU C 133 22.57 -10.02 -18.50
N TYR C 134 22.07 -8.82 -18.76
CA TYR C 134 22.94 -7.65 -18.80
C TYR C 134 23.37 -7.27 -17.40
N GLU C 135 24.68 -7.29 -17.16
CA GLU C 135 25.24 -6.97 -15.84
C GLU C 135 24.59 -7.82 -14.75
N SER C 136 24.24 -9.05 -15.09
CA SER C 136 23.62 -9.95 -14.12
C SER C 136 24.69 -10.67 -13.32
N LEU C 138 24.45 -13.75 -12.54
CA LEU C 138 24.18 -15.16 -12.76
C LEU C 138 25.45 -15.98 -12.63
N ASN C 139 26.55 -15.51 -13.23
CA ASN C 139 27.82 -16.24 -13.11
C ASN C 139 28.25 -16.35 -11.66
N THR C 140 28.04 -15.30 -10.87
CA THR C 140 28.36 -15.38 -9.45
C THR C 140 27.49 -16.42 -8.75
N VAL C 141 26.22 -16.51 -9.13
CA VAL C 141 25.31 -17.48 -8.52
C VAL C 141 25.70 -18.90 -8.90
N LEU C 142 26.09 -19.10 -10.17
CA LEU C 142 26.54 -20.43 -10.59
C LEU C 142 27.80 -20.83 -9.84
N CYS C 143 28.72 -19.88 -9.64
CA CYS C 143 29.90 -20.15 -8.84
C CYS C 143 29.52 -20.58 -7.42
N ALA C 144 28.56 -19.89 -6.82
CA ALA C 144 28.10 -20.26 -5.49
C ALA C 144 27.44 -21.62 -5.50
N ARG C 145 26.64 -21.91 -6.52
CA ARG C 145 25.99 -23.22 -6.63
C ARG C 145 27.02 -24.34 -6.67
N ASP C 146 28.06 -24.17 -7.48
CA ASP C 146 29.03 -25.24 -7.67
C ASP C 146 29.89 -25.43 -6.44
N ASN C 147 30.52 -24.36 -5.96
CA ASN C 147 31.55 -24.48 -4.92
C ASN C 147 30.97 -24.47 -3.51
N LEU C 148 29.92 -23.68 -3.25
CA LEU C 148 29.49 -23.42 -1.89
C LEU C 148 28.33 -24.27 -1.42
N GLY C 149 27.47 -24.74 -2.33
CA GLY C 149 26.27 -25.44 -1.95
C GLY C 149 26.41 -26.96 -1.98
N THR C 150 25.55 -27.62 -1.19
CA THR C 150 25.48 -29.07 -1.21
C THR C 150 25.18 -29.55 -2.63
N PRO C 151 25.39 -30.83 -2.90
CA PRO C 151 25.06 -31.35 -4.24
C PRO C 151 23.59 -31.21 -4.60
N ASP C 152 22.71 -31.22 -3.61
CA ASP C 152 21.27 -31.05 -3.82
C ASP C 152 20.80 -29.63 -3.50
N VAL C 153 21.72 -28.66 -3.49
CA VAL C 153 21.39 -27.30 -3.09
C VAL C 153 20.22 -26.79 -3.94
N LYS C 154 19.32 -26.06 -3.29
CA LYS C 154 18.11 -25.57 -3.93
C LYS C 154 18.24 -24.08 -4.25
N PHE C 156 16.87 -20.29 -5.43
CA PHE C 156 15.76 -19.36 -5.37
C PHE C 156 16.14 -18.09 -6.11
N PRO C 157 15.69 -17.90 -7.36
CA PRO C 157 14.87 -18.80 -8.19
C PRO C 157 15.72 -19.90 -8.83
N ASP C 158 15.11 -21.02 -9.18
CA ASP C 158 15.82 -22.12 -9.81
C ASP C 158 15.58 -22.21 -11.31
N LYS C 159 14.77 -21.31 -11.86
CA LYS C 159 14.49 -21.30 -13.29
C LYS C 159 14.54 -19.87 -13.78
N ALA C 160 14.80 -19.72 -15.08
CA ALA C 160 14.80 -18.42 -15.73
C ALA C 160 14.35 -18.61 -17.16
N ASN C 161 13.41 -17.78 -17.61
CA ASN C 161 12.83 -17.90 -18.94
C ASN C 161 12.71 -16.52 -19.55
N HIS C 163 11.34 -14.24 -22.83
CA HIS C 163 10.34 -14.25 -23.89
C HIS C 163 10.49 -12.98 -24.70
N VAL C 164 9.96 -13.01 -25.93
CA VAL C 164 10.09 -11.90 -26.86
C VAL C 164 8.78 -11.75 -27.63
N CYS C 165 8.51 -10.51 -28.06
CA CYS C 165 7.32 -10.23 -28.84
C CYS C 165 7.55 -8.93 -29.61
N GLY C 166 6.91 -8.84 -30.78
CA GLY C 166 7.01 -7.64 -31.58
C GLY C 166 6.04 -6.56 -31.10
N ILE C 167 6.45 -5.30 -31.30
CA ILE C 167 5.68 -4.16 -30.82
C ILE C 167 5.74 -3.03 -31.83
N THR C 168 4.71 -2.19 -31.80
CA THR C 168 4.67 -0.95 -32.57
C THR C 168 5.06 0.20 -31.66
N ASP C 169 5.88 1.11 -32.17
CA ASP C 169 6.37 2.22 -31.36
C ASP C 169 6.58 3.45 -32.25
N GLU C 170 5.54 3.86 -32.96
CA GLU C 170 5.61 5.04 -33.81
C GLU C 170 6.12 6.25 -33.03
N GLN C 171 5.71 6.38 -31.77
CA GLN C 171 6.13 7.53 -30.96
C GLN C 171 7.64 7.65 -30.91
N TYR C 172 8.32 6.65 -30.38
CA TYR C 172 9.77 6.72 -30.24
C TYR C 172 10.46 6.63 -31.60
N ILE C 173 9.84 5.97 -32.59
CA ILE C 173 10.44 5.93 -33.92
C ILE C 173 10.58 7.33 -34.48
N GLN C 174 9.68 8.24 -34.12
CA GLN C 174 9.72 9.61 -34.61
C GLN C 174 10.48 10.55 -33.68
N GLU C 175 10.48 10.27 -32.38
CA GLU C 175 11.13 11.13 -31.40
C GLU C 175 12.55 10.70 -31.07
N ARG C 176 12.93 9.46 -31.39
CA ARG C 176 14.26 8.94 -31.07
C ARG C 176 15.11 8.64 -32.28
N PHE C 177 14.51 8.39 -33.45
CA PHE C 177 15.26 8.03 -34.64
C PHE C 177 15.13 9.07 -35.74
N ASN C 178 13.91 9.33 -36.22
CA ASN C 178 13.72 10.25 -37.34
C ASN C 178 14.03 11.70 -36.98
N ILE C 179 14.06 12.01 -35.69
CA ILE C 179 14.33 13.39 -35.27
C ILE C 179 15.75 13.81 -35.65
N TRP C 180 16.66 12.85 -35.84
CA TRP C 180 18.03 13.16 -36.19
C TRP C 180 18.22 13.46 -37.67
N ASP C 181 17.16 13.36 -38.49
CA ASP C 181 17.30 13.58 -39.92
C ASP C 181 17.83 14.99 -40.20
N ASN C 182 17.24 15.99 -39.56
CA ASN C 182 17.69 17.37 -39.71
C ASN C 182 17.61 18.06 -38.35
N VAL C 183 18.75 18.56 -37.88
CA VAL C 183 18.85 19.26 -36.61
C VAL C 183 19.46 20.62 -36.90
N GLN C 184 18.64 21.67 -36.83
CA GLN C 184 19.10 23.03 -37.04
C GLN C 184 19.82 23.17 -38.37
N GLY C 185 19.27 22.53 -39.40
CA GLY C 185 19.85 22.58 -40.72
C GLY C 185 21.03 21.66 -40.94
N ILE C 186 21.30 20.75 -40.00
CA ILE C 186 22.43 19.82 -40.11
C ILE C 186 21.86 18.41 -40.16
N ASP C 187 22.44 17.59 -41.04
CA ASP C 187 21.95 16.22 -41.24
C ASP C 187 22.64 15.30 -40.24
N PHE C 188 21.91 14.90 -39.20
CA PHE C 188 22.41 13.98 -38.19
C PHE C 188 21.90 12.56 -38.42
N SER C 189 21.65 12.18 -39.68
CA SER C 189 21.18 10.83 -39.97
C SER C 189 22.08 9.77 -39.36
N TYR C 190 23.38 10.07 -39.22
CA TYR C 190 24.29 9.10 -38.62
C TYR C 190 23.87 8.76 -37.20
N PHE C 191 23.38 9.76 -36.44
CA PHE C 191 22.89 9.47 -35.10
C PHE C 191 21.68 8.55 -35.16
N LYS C 192 20.82 8.73 -36.16
CA LYS C 192 19.67 7.85 -36.33
C LYS C 192 20.13 6.41 -36.55
N ARG C 193 21.12 6.22 -37.42
CA ARG C 193 21.62 4.87 -37.68
C ARG C 193 22.25 4.27 -36.43
N LEU C 194 22.90 5.09 -35.60
CA LEU C 194 23.51 4.59 -34.38
C LEU C 194 22.47 4.26 -33.31
N SER C 195 21.34 4.97 -33.31
CA SER C 195 20.32 4.71 -32.30
C SER C 195 19.82 3.28 -32.35
N PHE C 196 19.81 2.67 -33.55
CA PHE C 196 19.32 1.30 -33.68
C PHE C 196 20.23 0.29 -32.99
N ILE C 197 21.48 0.67 -32.69
CA ILE C 197 22.39 -0.28 -32.04
C ILE C 197 22.06 -0.43 -30.56
N GLU C 198 21.49 0.60 -29.94
CA GLU C 198 21.35 0.65 -28.50
C GLU C 198 19.95 0.17 -28.10
N PRO C 199 19.81 -0.95 -27.40
CA PRO C 199 18.49 -1.32 -26.88
C PRO C 199 17.96 -0.27 -25.92
N LEU C 200 16.65 -0.26 -25.78
CA LEU C 200 15.95 0.67 -24.90
C LEU C 200 15.34 -0.12 -23.74
N VAL C 201 15.73 0.23 -22.52
CA VAL C 201 15.12 -0.33 -21.32
C VAL C 201 13.99 0.61 -20.92
N ASP C 202 12.76 0.22 -21.22
CA ASP C 202 11.60 1.06 -20.94
C ASP C 202 10.39 0.17 -20.80
N THR C 203 9.28 0.78 -20.37
CA THR C 203 8.04 0.05 -20.19
C THR C 203 7.29 -0.07 -21.52
N VAL C 204 6.95 -1.30 -21.89
CA VAL C 204 6.12 -1.56 -23.06
C VAL C 204 4.69 -1.75 -22.58
N GLU C 205 3.78 -0.92 -23.07
CA GLU C 205 2.38 -1.04 -22.71
C GLU C 205 1.70 -2.10 -23.56
N ARG C 206 0.64 -2.69 -23.02
CA ARG C 206 -0.12 -3.71 -23.75
C ARG C 206 -0.55 -3.20 -25.12
N SER C 207 -0.82 -1.90 -25.23
CA SER C 207 -1.29 -1.34 -26.49
C SER C 207 -0.28 -1.55 -27.62
N GLN C 208 1.01 -1.64 -27.29
CA GLN C 208 2.03 -1.76 -28.32
C GLN C 208 2.22 -3.19 -28.81
N ILE C 209 1.90 -4.18 -27.98
CA ILE C 209 2.17 -5.57 -28.34
C ILE C 209 1.22 -5.97 -29.47
N VAL C 210 1.80 -6.30 -30.62
CA VAL C 210 1.04 -6.70 -31.79
C VAL C 210 1.49 -8.10 -32.21
N THR C 211 1.84 -8.92 -31.22
CA THR C 211 2.49 -10.19 -31.50
C THR C 211 2.34 -11.11 -30.30
N ASN C 212 2.40 -12.41 -30.56
CA ASN C 212 2.37 -13.40 -29.49
C ASN C 212 3.69 -13.41 -28.74
N VAL C 213 3.63 -13.63 -27.42
CA VAL C 213 4.82 -13.75 -26.60
C VAL C 213 5.43 -15.13 -26.86
N ALA C 214 6.63 -15.15 -27.45
CA ALA C 214 7.27 -16.40 -27.83
C ALA C 214 8.43 -16.71 -26.87
N PRO C 215 8.70 -18.00 -26.63
CA PRO C 215 9.85 -18.35 -25.79
C PRO C 215 11.16 -17.97 -26.46
N LEU C 216 11.97 -17.17 -25.78
CA LEU C 216 13.28 -16.82 -26.29
C LEU C 216 14.33 -17.84 -25.88
N VAL C 217 14.44 -18.11 -24.58
CA VAL C 217 15.40 -19.09 -24.08
C VAL C 217 15.03 -19.43 -22.64
N SER C 218 15.43 -20.61 -22.20
CA SER C 218 15.16 -21.06 -20.84
C SER C 218 16.45 -21.56 -20.20
N PHE C 219 16.61 -21.29 -18.91
CA PHE C 219 17.77 -21.70 -18.15
C PHE C 219 17.31 -22.43 -16.89
N ASP C 220 17.91 -23.58 -16.61
CA ASP C 220 17.74 -24.26 -15.34
C ASP C 220 18.92 -23.89 -14.46
N ILE C 221 18.67 -23.07 -13.43
CA ILE C 221 19.76 -22.60 -12.58
C ILE C 221 20.39 -23.76 -11.81
N ASN C 222 19.72 -24.90 -11.72
CA ASN C 222 20.30 -26.05 -11.05
C ASN C 222 21.46 -26.65 -11.84
N THR C 223 21.46 -26.49 -13.16
CA THR C 223 22.44 -27.15 -14.02
C THR C 223 23.09 -26.24 -15.05
N VAL C 224 22.53 -25.06 -15.34
CA VAL C 224 23.09 -24.21 -16.38
C VAL C 224 24.53 -23.84 -16.05
N LYS C 225 25.35 -23.73 -17.10
CA LYS C 225 26.73 -23.29 -16.99
C LYS C 225 26.90 -21.98 -17.74
N GLU C 226 27.97 -21.25 -17.39
CA GLU C 226 28.21 -19.95 -17.98
C GLU C 226 28.21 -20.03 -19.50
N ALA C 227 28.78 -21.10 -20.06
CA ALA C 227 28.80 -21.25 -21.51
C ALA C 227 27.41 -21.25 -22.10
N ASP C 228 26.42 -21.75 -21.34
CA ASP C 228 25.05 -21.80 -21.84
C ASP C 228 24.41 -20.42 -21.92
N LEU C 229 24.97 -19.43 -21.22
CA LEU C 229 24.38 -18.09 -21.23
C LEU C 229 24.63 -17.35 -22.53
N SER C 230 25.66 -17.74 -23.28
CA SER C 230 25.85 -17.27 -24.66
C SER C 230 24.98 -18.17 -25.53
N PHE C 231 23.74 -17.76 -25.75
CA PHE C 231 22.70 -18.64 -26.28
C PHE C 231 22.27 -18.22 -27.68
N THR C 232 21.84 -19.23 -28.44
CA THR C 232 21.14 -19.02 -29.70
C THR C 232 19.68 -19.37 -29.52
N SER C 233 18.80 -18.62 -30.17
CA SER C 233 17.37 -18.85 -30.06
C SER C 233 16.73 -18.64 -31.42
N GLU C 234 15.86 -19.57 -31.81
CA GLU C 234 15.06 -19.46 -33.01
C GLU C 234 13.60 -19.36 -32.58
N PHE C 235 12.97 -18.21 -32.84
CA PHE C 235 11.60 -17.98 -32.43
C PHE C 235 10.83 -17.34 -33.56
N ALA C 236 9.53 -17.66 -33.62
CA ALA C 236 8.62 -17.11 -34.61
C ALA C 236 7.64 -16.16 -33.93
N LEU C 237 7.24 -15.12 -34.65
CA LEU C 237 6.33 -14.11 -34.15
C LEU C 237 5.18 -13.95 -35.13
N GLU C 238 3.95 -14.05 -34.63
CA GLU C 238 2.75 -13.99 -35.44
C GLU C 238 1.95 -12.75 -35.06
N ALA C 239 1.63 -11.93 -36.06
CA ALA C 239 0.84 -10.73 -35.81
C ALA C 239 -0.56 -11.10 -35.34
N GLN C 240 -1.16 -10.20 -34.54
CA GLN C 240 -2.47 -10.42 -33.97
C GLN C 240 -3.30 -9.16 -34.08
N ALA C 241 -4.55 -9.32 -34.49
CA ALA C 241 -5.51 -8.21 -34.59
C ALA C 241 -4.88 -7.00 -35.27
N SER C 251 -5.60 -1.92 -39.27
CA SER C 251 -4.81 -1.56 -40.45
C SER C 251 -3.54 -2.41 -40.52
N ILE C 252 -2.46 -1.83 -41.04
CA ILE C 252 -1.19 -2.54 -41.18
C ILE C 252 -0.49 -2.55 -39.83
N ILE C 253 -0.05 -3.74 -39.40
CA ILE C 253 0.64 -3.90 -38.12
C ILE C 253 2.13 -3.72 -38.35
N TYR C 254 2.72 -2.74 -37.68
CA TYR C 254 4.15 -2.48 -37.76
C TYR C 254 4.85 -3.11 -36.56
N VAL C 255 5.78 -4.03 -36.83
CA VAL C 255 6.69 -4.52 -35.80
C VAL C 255 7.92 -3.61 -35.85
N HIS C 256 7.85 -2.49 -35.13
CA HIS C 256 8.98 -1.57 -35.10
C HIS C 256 10.13 -2.11 -34.27
N ALA C 257 9.83 -2.92 -33.25
CA ALA C 257 10.84 -3.38 -32.33
C ALA C 257 10.41 -4.73 -31.74
N LEU C 258 11.34 -5.34 -31.01
CA LEU C 258 11.07 -6.56 -30.26
C LEU C 258 11.17 -6.24 -28.78
N SER C 259 10.11 -6.52 -28.03
CA SER C 259 10.14 -6.39 -26.58
C SER C 259 10.57 -7.72 -25.98
N VAL C 260 11.62 -7.69 -25.17
CA VAL C 260 12.13 -8.88 -24.49
C VAL C 260 11.93 -8.68 -22.99
N HIS C 261 11.34 -9.68 -22.34
CA HIS C 261 11.18 -9.70 -20.90
C HIS C 261 11.56 -11.09 -20.40
N PHE C 262 11.52 -11.27 -19.08
CA PHE C 262 11.89 -12.54 -18.48
C PHE C 262 11.00 -12.81 -17.27
N ASP C 263 11.06 -14.06 -16.80
CA ASP C 263 10.45 -14.47 -15.55
C ASP C 263 11.34 -15.51 -14.90
N THR C 264 11.42 -15.48 -13.57
CA THR C 264 12.22 -16.44 -12.82
C THR C 264 11.31 -17.25 -11.89
N PRO C 265 10.92 -18.47 -12.28
CA PRO C 265 10.11 -19.29 -11.38
C PRO C 265 10.91 -19.78 -10.18
N PHE C 266 10.25 -19.78 -9.02
CA PHE C 266 10.74 -20.44 -7.81
C PHE C 266 10.02 -21.78 -7.74
N THR C 267 10.64 -22.83 -8.29
CA THR C 267 10.05 -24.15 -8.31
C THR C 267 10.76 -25.14 -7.40
N ALA C 268 11.71 -24.65 -6.58
CA ALA C 268 12.44 -25.53 -5.68
C ALA C 268 11.53 -26.14 -4.62
N GLY C 269 10.39 -25.51 -4.33
CA GLY C 269 9.52 -25.93 -3.27
C GLY C 269 8.19 -26.50 -3.75
N HIS C 270 7.38 -26.90 -2.77
CA HIS C 270 6.07 -27.46 -3.05
C HIS C 270 5.12 -26.42 -3.62
N GLU C 271 5.22 -25.17 -3.17
CA GLU C 271 4.41 -24.08 -3.65
C GLU C 271 5.24 -23.24 -4.62
N VAL C 272 4.77 -23.13 -5.87
CA VAL C 272 5.53 -22.47 -6.92
C VAL C 272 5.18 -20.98 -6.95
N VAL C 273 6.20 -20.14 -7.00
CA VAL C 273 6.05 -18.71 -7.18
C VAL C 273 6.80 -18.32 -8.44
N ILE C 274 6.36 -17.24 -9.08
CA ILE C 274 6.95 -16.80 -10.35
C ILE C 274 7.11 -15.29 -10.32
N LEU C 275 8.37 -14.83 -10.37
CA LEU C 275 8.67 -13.43 -10.60
C LEU C 275 8.63 -13.17 -12.10
N ASP C 276 7.89 -12.14 -12.51
CA ASP C 276 7.57 -11.92 -13.91
C ASP C 276 7.74 -10.45 -14.25
N THR C 277 8.40 -10.17 -15.37
CA THR C 277 8.56 -8.80 -15.86
C THR C 277 7.78 -8.57 -17.15
N THR C 278 6.81 -9.44 -17.45
CA THR C 278 6.06 -9.34 -18.69
C THR C 278 5.38 -7.98 -18.79
N PRO C 279 5.16 -7.48 -20.02
CA PRO C 279 4.43 -6.22 -20.16
C PRO C 279 2.94 -6.35 -19.86
N TYR C 280 2.42 -7.57 -19.80
CA TYR C 280 1.03 -7.79 -19.45
C TYR C 280 0.79 -7.70 -17.94
N SER C 281 1.85 -7.59 -17.15
CA SER C 281 1.79 -7.32 -15.73
C SER C 281 2.28 -5.91 -15.45
N PRO C 282 1.89 -5.32 -14.31
CA PRO C 282 2.40 -3.99 -13.97
C PRO C 282 3.91 -3.96 -14.04
N PRO C 283 4.50 -2.83 -14.43
CA PRO C 283 5.95 -2.80 -14.64
C PRO C 283 6.72 -3.11 -13.37
N THR C 284 7.82 -3.83 -13.53
CA THR C 284 8.85 -3.95 -12.51
C THR C 284 9.91 -2.89 -12.79
N HIS C 285 10.98 -2.89 -11.98
CA HIS C 285 12.09 -2.00 -12.28
C HIS C 285 12.91 -2.49 -13.46
N TRP C 286 12.75 -3.75 -13.86
CA TRP C 286 13.38 -4.24 -15.08
C TRP C 286 12.65 -3.80 -16.33
N ARG C 287 11.37 -3.44 -16.21
CA ARG C 287 10.56 -3.03 -17.35
C ARG C 287 10.70 -4.04 -18.47
N GLN C 288 11.07 -3.59 -19.66
CA GLN C 288 11.23 -4.45 -20.82
C GLN C 288 12.36 -3.92 -21.67
N THR C 289 13.02 -4.82 -22.40
CA THR C 289 14.09 -4.45 -23.30
C THR C 289 13.53 -4.39 -24.73
N VAL C 290 13.79 -3.27 -25.41
CA VAL C 290 13.22 -3.00 -26.72
C VAL C 290 14.35 -2.95 -27.73
N LEU C 291 14.38 -3.94 -28.63
CA LEU C 291 15.34 -3.98 -29.72
C LEU C 291 14.65 -3.44 -30.97
N TYR C 292 15.01 -2.24 -31.39
CA TYR C 292 14.37 -1.61 -32.53
C TYR C 292 14.95 -2.18 -33.82
N LEU C 293 14.06 -2.67 -34.69
CA LEU C 293 14.48 -3.29 -35.94
C LEU C 293 14.85 -2.22 -36.96
N PHE C 294 16.00 -2.42 -37.61
CA PHE C 294 16.45 -1.47 -38.62
C PHE C 294 15.39 -1.31 -39.71
N ASN C 295 14.74 -2.40 -40.09
CA ASN C 295 13.66 -2.38 -41.09
C ASN C 295 12.40 -2.88 -40.42
N PRO C 296 11.44 -2.01 -40.07
CA PRO C 296 10.21 -2.49 -39.45
C PRO C 296 9.50 -3.50 -40.33
N LEU C 297 8.80 -4.44 -39.70
CA LEU C 297 8.07 -5.47 -40.42
C LEU C 297 6.62 -5.05 -40.63
N ARG C 298 6.18 -5.09 -41.87
CA ARG C 298 4.80 -4.74 -42.24
C ARG C 298 4.00 -6.04 -42.31
N ARG C 300 0.13 -8.24 -41.17
CA ARG C 300 -1.26 -8.19 -40.75
C ARG C 300 -1.65 -9.53 -40.19
N ALA C 301 -2.68 -9.52 -39.33
CA ALA C 301 -3.03 -10.66 -38.49
C ALA C 301 -2.86 -11.98 -39.23
N GLY C 302 -2.09 -12.89 -38.62
CA GLY C 302 -1.88 -14.20 -39.18
C GLY C 302 -0.46 -14.41 -39.69
N GLU C 303 0.13 -13.38 -40.29
CA GLU C 303 1.45 -13.51 -40.88
C GLU C 303 2.49 -13.85 -39.83
N ARG C 304 3.51 -14.59 -40.26
CA ARG C 304 4.50 -15.18 -39.36
C ARG C 304 5.89 -14.75 -39.80
N ALA C 305 6.68 -14.24 -38.86
CA ALA C 305 8.05 -13.81 -39.11
C ALA C 305 9.00 -14.54 -38.18
N THR C 306 10.01 -15.18 -38.74
CA THR C 306 10.96 -15.97 -37.97
C THR C 306 12.21 -15.16 -37.66
N PHE C 307 12.78 -15.42 -36.49
CA PHE C 307 13.95 -14.70 -36.01
C PHE C 307 14.96 -15.69 -35.45
N ARG C 308 16.23 -15.35 -35.56
CA ARG C 308 17.31 -16.11 -34.93
C ARG C 308 18.20 -15.13 -34.18
N LYS C 310 21.28 -14.45 -31.44
CA LYS C 310 22.45 -14.92 -30.71
C LYS C 310 22.87 -13.83 -29.74
N CYS C 311 22.79 -14.13 -28.45
CA CYS C 311 23.21 -13.21 -27.41
C CYS C 311 24.44 -13.78 -26.70
N SER C 312 25.47 -12.97 -26.58
CA SER C 312 26.72 -13.39 -25.96
C SER C 312 27.42 -12.17 -25.38
N PRO C 313 28.20 -12.34 -24.32
CA PRO C 313 29.01 -11.22 -23.82
C PRO C 313 29.99 -10.77 -24.88
N ASN C 314 30.14 -9.45 -25.01
CA ASN C 314 31.05 -8.90 -26.00
C ASN C 314 32.45 -9.46 -25.80
N ALA C 315 33.09 -9.84 -26.91
CA ALA C 315 34.35 -10.56 -26.85
C ALA C 315 35.36 -9.85 -25.94
N LEU C 316 35.64 -8.57 -26.23
CA LEU C 316 36.57 -7.83 -25.39
C LEU C 316 35.91 -7.37 -24.10
N ASN C 317 34.90 -6.50 -24.20
CA ASN C 317 34.24 -5.99 -23.00
C ASN C 317 33.34 -7.08 -22.42
N GLY C 318 33.73 -7.61 -21.26
CA GLY C 318 33.06 -8.78 -20.73
C GLY C 318 31.61 -8.52 -20.37
N ARG C 319 31.34 -7.42 -19.67
CA ARG C 319 30.03 -7.18 -19.08
C ARG C 319 29.11 -6.37 -19.99
N ASP C 320 29.43 -6.26 -21.27
CA ASP C 320 28.50 -5.74 -22.27
C ASP C 320 27.99 -6.90 -23.12
N LEU C 321 26.76 -6.78 -23.59
CA LEU C 321 26.09 -7.85 -24.32
C LEU C 321 26.00 -7.51 -25.80
N ASP C 322 26.47 -8.43 -26.64
CA ASP C 322 26.30 -8.33 -28.08
C ASP C 322 25.12 -9.21 -28.48
N ILE C 323 24.17 -8.62 -29.21
CA ILE C 323 22.96 -9.32 -29.62
C ILE C 323 22.90 -9.26 -31.14
N SER C 324 23.15 -10.39 -31.78
CA SER C 324 22.95 -10.54 -33.21
C SER C 324 21.51 -11.00 -33.45
N LEU C 325 20.85 -10.40 -34.44
CA LEU C 325 19.47 -10.71 -34.75
C LEU C 325 19.34 -10.88 -36.26
N HIS C 326 18.97 -12.08 -36.69
CA HIS C 326 18.65 -12.34 -38.09
C HIS C 326 17.13 -12.35 -38.23
N VAL C 327 16.61 -11.39 -39.00
CA VAL C 327 15.19 -11.25 -39.23
C VAL C 327 14.87 -11.82 -40.61
N ASP C 328 13.97 -12.80 -40.67
CA ASP C 328 13.51 -13.38 -41.93
C ASP C 328 12.00 -13.28 -41.95
N PHE C 329 11.47 -12.36 -42.76
CA PHE C 329 10.03 -12.15 -42.87
C PHE C 329 9.63 -12.15 -44.34
N GLU C 330 8.58 -12.90 -44.67
CA GLU C 330 8.03 -12.94 -46.02
C GLU C 330 6.52 -12.76 -45.90
N GLY C 331 6.03 -11.56 -46.23
CA GLY C 331 4.62 -11.25 -46.14
C GLY C 331 4.11 -10.62 -47.42
N ALA C 332 2.82 -10.29 -47.40
CA ALA C 332 2.18 -9.68 -48.55
C ALA C 332 2.66 -8.27 -48.81
N LEU C 333 3.29 -7.62 -47.82
CA LEU C 333 3.74 -6.24 -47.96
C LEU C 333 5.24 -6.06 -47.86
N GLN C 334 6.01 -7.10 -47.55
CA GLN C 334 7.44 -6.94 -47.44
C GLN C 334 8.12 -8.31 -47.49
N ILE C 335 9.35 -8.31 -48.01
CA ILE C 335 10.19 -9.50 -48.07
C ILE C 335 11.60 -9.07 -47.67
N SER C 336 11.99 -9.38 -46.43
CA SER C 336 13.26 -8.90 -45.90
C SER C 336 13.97 -10.03 -45.16
N HIS C 337 15.22 -10.26 -45.53
CA HIS C 337 16.11 -11.20 -44.84
C HIS C 337 17.40 -10.44 -44.53
N TYR C 338 17.51 -9.92 -43.32
CA TYR C 338 18.63 -9.06 -42.97
C TYR C 338 19.15 -9.41 -41.58
N ASP C 339 20.37 -8.94 -41.30
CA ASP C 339 21.02 -9.13 -40.02
C ASP C 339 21.26 -7.79 -39.36
N GLN C 340 20.99 -7.72 -38.06
CA GLN C 340 21.17 -6.50 -37.29
C GLN C 340 21.89 -6.83 -35.99
N ASP C 341 22.73 -5.91 -35.54
CA ASP C 341 23.49 -6.06 -34.31
C ASP C 341 23.05 -5.02 -33.30
N PHE C 342 22.88 -5.45 -32.05
CA PHE C 342 22.62 -4.56 -30.93
C PHE C 342 23.72 -4.74 -29.90
N ARG C 343 24.06 -3.64 -29.22
CA ARG C 343 25.06 -3.66 -28.16
C ARG C 343 24.44 -3.06 -26.91
N LEU C 344 24.24 -3.89 -25.89
CA LEU C 344 23.70 -3.46 -24.62
C LEU C 344 24.88 -3.02 -23.75
N ARG C 345 25.04 -1.71 -23.62
CA ARG C 345 26.19 -1.13 -22.92
C ARG C 345 25.77 -0.07 -21.92
N ARG D 73 23.69 5.85 -25.71
CA ARG D 73 24.48 7.08 -25.66
C ARG D 73 23.92 8.14 -26.60
N ILE D 74 23.34 7.71 -27.73
CA ILE D 74 22.75 8.64 -28.67
C ILE D 74 21.53 9.33 -28.06
N SER D 75 20.70 8.56 -27.36
CA SER D 75 19.49 9.14 -26.75
C SER D 75 19.83 10.24 -25.76
N GLY D 76 20.98 10.13 -25.08
CA GLY D 76 21.39 11.15 -24.13
C GLY D 76 21.58 12.53 -24.72
N ASN D 77 21.59 12.65 -26.05
CA ASN D 77 21.79 13.92 -26.73
C ASN D 77 20.48 14.56 -27.19
N LEU D 78 19.35 13.89 -27.00
CA LEU D 78 18.07 14.47 -27.40
C LEU D 78 17.78 15.76 -26.64
N SER D 79 18.09 15.78 -25.34
CA SER D 79 17.91 17.00 -24.56
C SER D 79 18.61 18.19 -25.20
N CYS D 80 19.74 17.94 -25.87
CA CYS D 80 20.50 19.05 -26.45
C CYS D 80 19.77 19.66 -27.63
N ILE D 81 19.29 18.82 -28.56
CA ILE D 81 18.67 19.35 -29.78
C ILE D 81 17.35 20.03 -29.49
N HIS D 82 16.73 19.74 -28.34
CA HIS D 82 15.49 20.41 -27.95
C HIS D 82 15.71 21.62 -27.06
N ASP D 83 16.93 21.83 -26.58
CA ASP D 83 17.23 22.94 -25.68
C ASP D 83 17.31 24.22 -26.51
N ARG D 84 16.14 24.81 -26.77
CA ARG D 84 16.07 26.01 -27.59
C ARG D 84 16.66 27.21 -26.88
N VAL D 85 16.61 27.25 -25.54
CA VAL D 85 17.17 28.36 -24.80
C VAL D 85 18.66 28.46 -25.03
N ARG D 86 19.40 27.41 -24.64
CA ARG D 86 20.83 27.35 -24.94
C ARG D 86 21.09 27.60 -26.42
N LEU D 87 20.24 27.04 -27.28
CA LEU D 87 20.47 27.09 -28.71
C LEU D 87 20.45 28.53 -29.23
N ARG D 88 19.39 29.27 -28.93
CA ARG D 88 19.32 30.65 -29.41
C ARG D 88 20.36 31.51 -28.72
N ALA D 89 20.71 31.21 -27.47
CA ALA D 89 21.73 31.97 -26.77
C ALA D 89 23.08 31.84 -27.48
N TYR D 90 23.58 30.62 -27.61
CA TYR D 90 24.88 30.42 -28.25
C TYR D 90 24.86 30.86 -29.71
N GLU D 91 23.71 30.78 -30.36
CA GLU D 91 23.60 31.32 -31.72
C GLU D 91 23.87 32.82 -31.72
N SER D 92 23.31 33.54 -30.73
CA SER D 92 23.58 34.97 -30.62
C SER D 92 25.08 35.24 -30.51
N VAL D 93 25.82 34.36 -29.85
CA VAL D 93 27.25 34.55 -29.70
C VAL D 93 28.00 34.22 -31.00
N LEU D 94 27.48 33.29 -31.80
CA LEU D 94 28.16 32.80 -32.98
C LEU D 94 27.83 33.60 -34.23
N ARG D 95 27.26 34.79 -34.09
CA ARG D 95 27.02 35.64 -35.25
C ARG D 95 28.33 36.23 -35.78
N SER D 96 29.05 36.95 -34.93
CA SER D 96 30.28 37.63 -35.30
C SER D 96 31.48 36.69 -35.35
N ILE D 97 31.27 35.37 -35.42
CA ILE D 97 32.37 34.42 -35.32
C ILE D 97 33.09 34.19 -36.64
N LYS D 98 32.57 34.72 -37.75
CA LYS D 98 33.20 34.51 -39.04
C LYS D 98 34.63 35.05 -39.02
N GLY D 99 35.58 34.18 -39.32
CA GLY D 99 36.99 34.54 -39.31
C GLY D 99 37.67 34.35 -37.97
N LYS D 100 36.94 33.94 -36.93
CA LYS D 100 37.49 33.75 -35.60
C LYS D 100 37.52 32.27 -35.24
N SER D 101 38.43 31.91 -34.34
CA SER D 101 38.62 30.52 -33.95
C SER D 101 37.85 30.21 -32.67
N VAL D 102 37.32 28.98 -32.60
CA VAL D 102 36.46 28.57 -31.51
C VAL D 102 37.01 27.29 -30.89
N LEU D 103 36.97 27.22 -29.55
CA LEU D 103 37.27 26.01 -28.81
C LEU D 103 36.05 25.66 -27.96
N HIS D 104 35.45 24.51 -28.24
CA HIS D 104 34.25 24.06 -27.53
C HIS D 104 34.64 22.89 -26.63
N LEU D 105 34.83 23.19 -25.34
CA LEU D 105 35.03 22.15 -24.35
C LEU D 105 33.68 21.59 -23.92
N GLY D 106 33.64 20.28 -23.70
CA GLY D 106 32.37 19.62 -23.42
C GLY D 106 31.39 19.78 -24.56
N CYS D 107 31.86 19.57 -25.79
CA CYS D 107 31.03 19.79 -26.97
C CYS D 107 29.90 18.78 -27.09
N GLY D 108 30.00 17.65 -26.41
CA GLY D 108 28.98 16.62 -26.54
C GLY D 108 28.83 16.20 -27.99
N GLY D 110 28.28 18.11 -30.32
CA GLY D 110 28.90 19.12 -31.14
C GLY D 110 27.94 19.94 -31.97
N LEU D 111 26.69 20.12 -31.52
CA LEU D 111 25.74 20.91 -32.28
C LEU D 111 26.16 22.37 -32.34
N VAL D 112 26.47 22.96 -31.19
CA VAL D 112 26.95 24.35 -31.17
C VAL D 112 28.26 24.45 -31.96
N SER D 113 29.13 23.44 -31.84
CA SER D 113 30.39 23.46 -32.55
C SER D 113 30.17 23.58 -34.06
N ILE D 115 27.46 24.59 -35.60
CA ILE D 115 26.81 25.86 -35.90
C ILE D 115 27.84 26.97 -36.00
N ALA D 116 28.88 26.90 -35.17
CA ALA D 116 29.97 27.88 -35.27
C ALA D 116 30.79 27.64 -36.53
N ALA D 117 31.10 26.39 -36.83
CA ALA D 117 31.88 26.08 -38.03
C ALA D 117 31.11 26.48 -39.28
N ARG D 118 29.80 26.27 -39.30
CA ARG D 118 28.97 26.66 -40.43
C ARG D 118 28.91 28.18 -40.59
N SER D 119 29.21 28.93 -39.53
CA SER D 119 29.24 30.38 -39.58
C SER D 119 30.56 30.92 -40.15
N LEU D 120 31.31 30.08 -40.86
CA LEU D 120 32.57 30.49 -41.49
C LEU D 120 33.59 30.95 -40.46
N ALA D 121 33.65 30.23 -39.33
CA ALA D 121 34.73 30.45 -38.37
C ALA D 121 36.03 29.89 -38.94
N SER D 122 37.14 30.57 -38.63
CA SER D 122 38.44 30.16 -39.15
C SER D 122 38.75 28.72 -38.75
N ALA D 123 38.58 28.39 -37.47
CA ALA D 123 38.84 27.06 -36.97
C ALA D 123 37.93 26.78 -35.79
N VAL D 124 37.48 25.53 -35.67
CA VAL D 124 36.63 25.10 -34.57
C VAL D 124 37.20 23.78 -34.04
N VAL D 125 37.65 23.78 -32.80
CA VAL D 125 38.20 22.60 -32.15
C VAL D 125 37.23 22.21 -31.04
N ALA D 126 36.56 21.07 -31.21
CA ALA D 126 35.57 20.58 -30.25
C ALA D 126 36.13 19.37 -29.53
N VAL D 127 35.99 19.35 -28.20
CA VAL D 127 36.56 18.30 -27.37
C VAL D 127 35.47 17.75 -26.46
N ASP D 128 35.57 16.45 -26.18
CA ASP D 128 34.73 15.80 -25.19
C ASP D 128 35.28 14.40 -24.95
N ARG D 129 35.01 13.87 -23.75
CA ARG D 129 35.54 12.56 -23.37
C ARG D 129 34.72 11.42 -23.95
N SER D 130 33.42 11.61 -24.16
CA SER D 130 32.56 10.54 -24.63
C SER D 130 32.77 10.28 -26.11
N ALA D 131 32.52 9.03 -26.51
CA ALA D 131 32.71 8.62 -27.90
C ALA D 131 31.81 9.34 -28.87
N ILE D 132 30.83 10.11 -28.39
CA ILE D 132 29.90 10.78 -29.29
C ILE D 132 30.63 11.71 -30.25
N VAL D 133 31.78 12.25 -29.84
CA VAL D 133 32.54 13.15 -30.72
C VAL D 133 32.93 12.42 -32.00
N ASP D 134 33.35 11.17 -31.90
CA ASP D 134 33.63 10.38 -33.09
C ASP D 134 32.43 10.41 -34.03
N ALA D 135 31.24 10.14 -33.48
CA ALA D 135 30.03 10.25 -34.29
C ALA D 135 29.83 11.66 -34.80
N ALA D 136 30.07 12.66 -33.93
CA ALA D 136 29.95 14.04 -34.36
C ALA D 136 30.85 14.34 -35.55
N GLN D 137 32.09 13.85 -35.51
CA GLN D 137 33.00 14.06 -36.64
C GLN D 137 32.41 13.50 -37.93
N VAL D 138 31.85 12.29 -37.87
CA VAL D 138 31.21 11.70 -39.05
C VAL D 138 30.15 12.65 -39.58
N VAL D 139 29.28 13.14 -38.71
CA VAL D 139 28.24 14.08 -39.12
C VAL D 139 28.87 15.31 -39.76
N ALA D 140 29.88 15.89 -39.09
CA ALA D 140 30.55 17.07 -39.64
C ALA D 140 31.13 16.77 -41.02
N ASN D 141 31.73 15.60 -41.21
CA ASN D 141 32.32 15.27 -42.50
C ASN D 141 31.24 15.08 -43.57
N LYS D 142 30.07 14.55 -43.19
CA LYS D 142 29.00 14.32 -44.15
C LYS D 142 28.19 15.57 -44.45
N ASN D 143 28.42 16.67 -43.73
CA ASN D 143 27.75 17.94 -44.00
C ASN D 143 28.68 18.94 -44.65
N GLY D 144 29.88 18.53 -45.06
CA GLY D 144 30.80 19.40 -45.76
C GLY D 144 31.61 20.33 -44.88
N LEU D 145 31.43 20.27 -43.56
CA LEU D 145 32.16 21.15 -42.65
C LEU D 145 33.57 20.58 -42.46
N ASN D 146 34.57 21.25 -43.04
CA ASN D 146 35.95 20.82 -42.92
C ASN D 146 36.78 21.73 -42.02
N ASN D 147 36.25 22.88 -41.62
CA ASN D 147 36.93 23.77 -40.70
C ASN D 147 36.68 23.41 -39.23
N ILE D 148 36.25 22.19 -38.96
CA ILE D 148 35.97 21.72 -37.61
C ILE D 148 36.69 20.40 -37.39
N SER D 149 37.25 20.22 -36.20
CA SER D 149 37.97 19.00 -35.85
C SER D 149 37.60 18.61 -34.42
N PHE D 150 37.22 17.35 -34.25
CA PHE D 150 36.79 16.83 -32.95
C PHE D 150 37.92 16.00 -32.33
N PHE D 151 38.03 16.10 -31.00
CA PHE D 151 39.05 15.37 -30.25
C PHE D 151 38.39 14.70 -29.06
N ARG D 152 38.72 13.43 -28.84
CA ARG D 152 38.16 12.65 -27.74
C ARG D 152 39.20 12.51 -26.64
N GLY D 153 38.76 12.72 -25.40
CA GLY D 153 39.61 12.61 -24.24
C GLY D 153 39.70 13.91 -23.48
N ALA D 154 40.48 13.88 -22.40
CA ALA D 154 40.72 15.08 -21.62
C ALA D 154 41.48 16.11 -22.46
N LEU D 155 41.17 17.39 -22.23
CA LEU D 155 41.83 18.46 -22.96
C LEU D 155 43.35 18.29 -22.91
N VAL D 156 43.90 18.09 -21.71
CA VAL D 156 45.35 18.00 -21.54
C VAL D 156 45.93 16.90 -22.42
N ASP D 157 45.15 15.85 -22.71
CA ASP D 157 45.63 14.72 -23.49
C ASP D 157 45.49 14.91 -25.00
N VAL D 158 44.83 15.98 -25.44
CA VAL D 158 44.55 16.17 -26.86
C VAL D 158 45.13 17.46 -27.42
N VAL D 159 45.49 18.43 -26.58
CA VAL D 159 46.05 19.68 -27.10
C VAL D 159 47.31 19.42 -27.91
N GLN D 160 48.00 18.30 -27.63
CA GLN D 160 49.22 17.99 -28.35
C GLN D 160 48.99 17.92 -29.86
N ASN D 161 47.78 17.57 -30.29
CA ASN D 161 47.46 17.40 -31.70
C ASN D 161 46.53 18.49 -32.21
N PHE D 162 46.26 19.53 -31.43
CA PHE D 162 45.40 20.60 -31.89
C PHE D 162 46.04 21.30 -33.09
N PRO D 163 45.25 21.67 -34.11
CA PRO D 163 45.82 22.46 -35.21
C PRO D 163 46.24 23.85 -34.77
N VAL D 164 45.39 24.53 -34.00
CA VAL D 164 45.70 25.84 -33.44
C VAL D 164 45.50 25.76 -31.93
N ARG D 165 46.27 26.57 -31.20
CA ARG D 165 46.22 26.56 -29.74
C ARG D 165 45.94 27.95 -29.16
N GLN D 166 45.40 28.85 -29.98
CA GLN D 166 45.00 30.18 -29.52
C GLN D 166 43.64 30.47 -30.13
N PHE D 167 42.63 30.68 -29.28
CA PHE D 167 41.25 30.78 -29.73
C PHE D 167 40.64 32.12 -29.34
N ASP D 168 39.77 32.62 -30.22
CA ASP D 168 39.08 33.88 -29.97
C ASP D 168 37.86 33.70 -29.09
N VAL D 169 37.18 32.56 -29.19
CA VAL D 169 36.02 32.26 -28.38
C VAL D 169 36.16 30.83 -27.86
N ILE D 170 35.99 30.67 -26.55
CA ILE D 170 36.05 29.37 -25.91
C ILE D 170 34.70 29.13 -25.26
N ILE D 171 33.93 28.19 -25.81
CA ILE D 171 32.63 27.83 -25.27
C ILE D 171 32.82 26.65 -24.32
N CYS D 172 32.39 26.82 -23.07
CA CYS D 172 32.51 25.75 -22.09
C CYS D 172 31.57 26.05 -20.93
N GLU D 173 30.63 25.13 -20.67
CA GLU D 173 29.74 25.23 -19.52
C GLU D 173 30.42 24.59 -18.33
N TRP D 174 31.28 25.37 -17.68
CA TRP D 174 32.12 24.91 -16.58
C TRP D 174 31.42 24.93 -15.23
N GLY D 176 28.90 23.94 -12.23
CA GLY D 176 28.25 22.77 -11.70
C GLY D 176 27.08 23.11 -10.79
N PRO D 177 26.44 22.08 -10.22
CA PRO D 177 25.26 22.32 -9.39
C PRO D 177 25.53 23.26 -8.23
N PHE D 178 26.79 23.49 -7.87
CA PHE D 178 27.14 24.47 -6.84
C PHE D 178 28.24 25.39 -7.35
N LEU D 179 28.28 25.62 -8.66
CA LEU D 179 29.08 26.66 -9.30
C LEU D 179 30.54 26.29 -9.46
N ILE D 180 31.10 25.48 -8.56
CA ILE D 180 32.53 25.20 -8.55
C ILE D 180 32.84 23.72 -8.59
N ASN D 181 31.84 22.86 -8.74
CA ASN D 181 32.01 21.42 -8.59
C ASN D 181 31.76 20.67 -9.90
N ASP D 182 32.01 21.32 -11.03
CA ASP D 182 31.95 20.61 -12.31
C ASP D 182 33.35 20.25 -12.74
N PRO D 183 33.65 18.97 -13.03
CA PRO D 183 35.02 18.63 -13.46
C PRO D 183 35.46 19.40 -14.67
N LEU D 184 34.54 19.73 -15.58
CA LEU D 184 34.90 20.47 -16.80
C LEU D 184 35.55 21.82 -16.48
N LEU D 185 35.35 22.34 -15.27
CA LEU D 185 35.98 23.60 -14.89
C LEU D 185 37.50 23.50 -14.96
N GLU D 186 38.07 22.36 -14.56
CA GLU D 186 39.51 22.21 -14.61
C GLU D 186 40.05 22.38 -16.03
N GLU D 187 39.27 21.94 -17.03
CA GLU D 187 39.65 22.17 -18.41
C GLU D 187 39.41 23.61 -18.83
N ALA D 188 38.27 24.19 -18.43
CA ALA D 188 37.98 25.59 -18.73
C ALA D 188 39.12 26.49 -18.28
N LEU D 189 39.55 26.33 -17.02
CA LEU D 189 40.64 27.14 -16.51
C LEU D 189 41.92 26.94 -17.34
N TYR D 190 42.23 25.69 -17.68
CA TYR D 190 43.37 25.43 -18.55
C TYR D 190 43.24 26.21 -19.85
N ALA D 191 42.06 26.14 -20.48
CA ALA D 191 41.83 26.90 -21.70
C ALA D 191 41.97 28.40 -21.45
N ARG D 192 41.49 28.87 -20.30
CA ARG D 192 41.62 30.28 -19.98
C ARG D 192 43.08 30.71 -19.91
N ASN D 193 43.94 29.83 -19.40
CA ASN D 193 45.33 30.19 -19.11
C ASN D 193 46.28 29.95 -20.25
N ASN D 194 45.92 29.14 -21.24
CA ASN D 194 46.87 28.72 -22.27
C ASN D 194 46.31 28.84 -23.67
N LEU D 195 44.99 28.64 -23.83
CA LEU D 195 44.39 28.50 -25.15
C LEU D 195 43.49 29.67 -25.54
N LEU D 196 43.57 30.79 -24.82
CA LEU D 196 42.71 31.93 -25.07
C LEU D 196 43.52 33.05 -25.71
N ALA D 197 42.99 33.63 -26.78
CA ALA D 197 43.65 34.73 -27.47
C ALA D 197 43.69 35.97 -26.59
N SER D 198 44.37 37.01 -27.08
CA SER D 198 44.54 38.23 -26.30
C SER D 198 43.20 38.85 -25.96
N ASN D 199 42.37 39.12 -26.96
CA ASN D 199 41.04 39.68 -26.75
C ASN D 199 39.94 38.64 -26.82
N GLY D 200 40.29 37.35 -26.79
CA GLY D 200 39.29 36.31 -26.84
C GLY D 200 38.39 36.32 -25.61
N VAL D 201 37.20 35.74 -25.79
CA VAL D 201 36.20 35.68 -24.73
C VAL D 201 35.91 34.23 -24.40
N CYS D 203 32.66 31.73 -23.01
CA CYS D 203 31.20 31.75 -23.06
C CYS D 203 30.63 30.46 -22.51
N PRO D 204 29.78 30.51 -21.47
CA PRO D 204 29.41 31.68 -20.67
C PRO D 204 30.53 32.05 -19.69
N ASP D 205 30.51 33.28 -19.17
CA ASP D 205 31.59 33.76 -18.32
C ASP D 205 31.20 33.91 -16.86
N SER D 206 29.91 33.88 -16.53
CA SER D 206 29.47 34.07 -15.16
C SER D 206 28.35 33.08 -14.84
N SER D 207 28.26 32.72 -13.56
CA SER D 207 27.24 31.79 -13.09
C SER D 207 26.90 32.10 -11.64
N SER D 208 25.61 32.04 -11.32
CA SER D 208 25.11 32.32 -9.98
C SER D 208 24.27 31.16 -9.50
N ILE D 209 24.18 31.02 -8.18
CA ILE D 209 23.40 29.96 -7.54
C ILE D 209 22.28 30.60 -6.73
N HIS D 210 21.08 30.06 -6.87
CA HIS D 210 19.89 30.60 -6.24
C HIS D 210 19.32 29.59 -5.25
N VAL D 211 18.89 30.08 -4.09
CA VAL D 211 18.37 29.24 -3.02
C VAL D 211 16.88 29.50 -2.87
N VAL D 212 16.11 28.43 -2.68
CA VAL D 212 14.68 28.53 -2.40
C VAL D 212 14.32 27.51 -1.33
N GLY D 213 13.38 27.88 -0.47
CA GLY D 213 12.84 26.94 0.49
C GLY D 213 11.75 26.09 -0.14
N VAL D 214 11.74 24.81 0.22
CA VAL D 214 10.85 23.83 -0.37
C VAL D 214 10.13 23.07 0.73
N SER D 215 8.82 22.84 0.52
CA SER D 215 7.99 22.10 1.45
C SER D 215 7.46 20.86 0.73
N ASP D 216 7.96 19.68 1.12
CA ASP D 216 7.49 18.42 0.55
C ASP D 216 7.50 17.38 1.67
N TYR D 217 6.41 17.32 2.42
CA TYR D 217 6.30 16.36 3.51
C TYR D 217 6.17 14.95 2.97
N CYS D 218 5.48 14.77 1.85
CA CYS D 218 5.29 13.43 1.30
C CYS D 218 6.60 12.86 0.76
N PHE D 219 7.46 13.72 0.20
CA PHE D 219 8.74 13.24 -0.29
C PHE D 219 9.62 12.77 0.85
N HIS D 220 9.58 13.47 1.99
CA HIS D 220 10.28 13.00 3.17
C HIS D 220 9.72 11.67 3.66
N ASP D 222 8.24 9.41 1.81
CA ASP D 222 8.51 8.37 0.83
C ASP D 222 9.98 7.98 0.77
N THR D 223 10.89 8.86 1.20
CA THR D 223 12.31 8.59 1.08
C THR D 223 12.98 8.34 2.42
N VAL D 224 12.50 8.92 3.51
CA VAL D 224 13.12 8.74 4.81
C VAL D 224 12.31 7.80 5.65
N GLU D 225 11.03 8.13 5.87
CA GLU D 225 10.18 7.30 6.70
C GLU D 225 9.88 5.96 6.04
N PHE D 226 10.03 5.85 4.72
CA PHE D 226 9.85 4.58 4.05
C PHE D 226 10.70 3.49 4.69
N TRP D 227 11.93 3.83 5.08
CA TRP D 227 12.81 2.86 5.70
C TRP D 227 12.39 2.51 7.12
N GLY D 228 11.42 3.22 7.68
CA GLY D 228 10.94 2.89 9.00
C GLY D 228 10.53 1.44 9.11
N ASN D 229 9.93 0.89 8.05
CA ASN D 229 9.60 -0.53 8.04
C ASN D 229 9.42 -1.00 6.61
N VAL D 230 10.22 -1.99 6.22
CA VAL D 230 10.27 -2.47 4.84
C VAL D 230 9.92 -3.95 4.88
N TYR D 231 8.69 -4.29 4.49
CA TYR D 231 8.21 -5.67 4.49
C TYR D 231 8.33 -6.29 5.89
N GLY D 232 7.95 -5.52 6.91
CA GLY D 232 7.98 -6.00 8.27
C GLY D 232 9.26 -5.73 9.03
N PHE D 233 10.32 -5.31 8.36
CA PHE D 233 11.61 -5.11 8.99
C PHE D 233 11.95 -3.63 9.06
N LYS D 234 12.63 -3.23 10.13
CA LYS D 234 13.03 -1.84 10.32
C LYS D 234 14.41 -1.63 9.71
N GLU D 236 16.23 1.31 9.74
CA GLU D 236 16.66 2.63 10.21
C GLU D 236 18.00 3.07 9.64
N PRO D 237 19.04 2.23 9.56
CA PRO D 237 20.35 2.70 9.09
C PRO D 237 20.30 3.38 7.73
N LYS D 239 17.95 5.47 6.60
CA LYS D 239 17.49 6.84 6.69
C LYS D 239 18.66 7.82 6.60
N ALA D 240 19.75 7.52 7.31
CA ALA D 240 20.93 8.38 7.25
C ALA D 240 21.40 8.55 5.80
N LEU D 241 21.57 7.44 5.08
CA LEU D 241 22.06 7.50 3.70
C LEU D 241 21.21 8.43 2.84
N VAL D 242 19.94 8.60 3.19
CA VAL D 242 19.05 9.44 2.40
C VAL D 242 19.32 10.91 2.69
N GLN D 243 19.37 11.28 3.97
CA GLN D 243 19.39 12.68 4.37
C GLN D 243 20.75 13.32 4.22
N ARG D 244 21.81 12.56 4.03
CA ARG D 244 23.14 13.13 3.82
C ARG D 244 23.53 13.16 2.35
N GLU D 245 22.58 12.95 1.45
CA GLU D 245 22.84 12.92 0.02
C GLU D 245 22.14 14.10 -0.65
N VAL D 246 22.91 14.87 -1.41
CA VAL D 246 22.34 15.93 -2.24
C VAL D 246 21.57 15.29 -3.38
N GLU D 247 20.29 15.58 -3.47
CA GLU D 247 19.41 14.99 -4.47
C GLU D 247 19.26 15.93 -5.64
N CYS D 249 17.09 16.63 -8.64
CA CYS D 249 15.76 16.27 -9.11
C CYS D 249 14.93 17.54 -9.20
N ARG D 250 14.12 17.64 -10.25
CA ARG D 250 13.26 18.80 -10.41
C ARG D 250 12.23 18.85 -9.29
N VAL D 251 12.03 20.03 -8.73
CA VAL D 251 11.11 20.25 -7.63
C VAL D 251 9.84 20.89 -8.18
N PRO D 252 8.66 20.35 -7.90
CA PRO D 252 7.43 20.94 -8.46
C PRO D 252 7.18 22.34 -7.92
N THR D 253 6.51 23.15 -8.74
CA THR D 253 6.22 24.52 -8.35
C THR D 253 5.41 24.57 -7.06
N SER D 254 4.50 23.61 -6.87
CA SER D 254 3.68 23.60 -5.67
C SER D 254 4.52 23.45 -4.41
N SER D 255 5.73 22.94 -4.52
CA SER D 255 6.60 22.76 -3.38
C SER D 255 7.54 23.93 -3.15
N ILE D 256 7.62 24.88 -4.08
CA ILE D 256 8.38 26.10 -3.88
C ILE D 256 7.54 27.06 -3.07
N VAL D 257 7.99 27.39 -1.85
CA VAL D 257 7.16 28.13 -0.91
C VAL D 257 7.90 29.33 -0.36
N THR D 258 8.95 29.78 -1.04
CA THR D 258 9.67 30.98 -0.61
C THR D 258 10.17 31.73 -1.84
N THR D 259 10.62 32.95 -1.61
CA THR D 259 11.26 33.72 -2.67
C THR D 259 12.56 33.05 -3.10
N THR D 260 13.23 33.64 -4.08
CA THR D 260 14.51 33.16 -4.58
C THR D 260 15.60 34.13 -4.15
N CYS D 261 16.69 33.59 -3.61
CA CYS D 261 17.81 34.40 -3.15
C CYS D 261 19.04 34.05 -3.97
N LEU D 262 19.53 35.03 -4.73
CA LEU D 262 20.80 34.89 -5.44
C LEU D 262 21.92 34.95 -4.41
N ALA D 263 22.50 33.80 -4.09
CA ALA D 263 23.40 33.68 -2.95
C ALA D 263 24.87 33.85 -3.31
N HIS D 264 25.29 33.45 -4.50
CA HIS D 264 26.69 33.53 -4.85
C HIS D 264 26.83 33.60 -6.36
N THR D 265 27.94 34.19 -6.81
CA THR D 265 28.24 34.30 -8.23
C THR D 265 29.73 34.10 -8.44
N VAL D 266 30.09 33.43 -9.53
CA VAL D 266 31.48 33.21 -9.89
C VAL D 266 31.66 33.57 -11.36
N ASN D 267 32.78 34.22 -11.68
CA ASN D 267 33.13 34.57 -13.04
C ASN D 267 34.36 33.79 -13.47
N ILE D 268 34.33 33.26 -14.68
CA ILE D 268 35.45 32.44 -15.17
C ILE D 268 36.76 33.20 -15.07
N ALA D 269 36.73 34.52 -15.27
CA ALA D 269 37.95 35.31 -15.17
C ALA D 269 38.47 35.36 -13.73
N SER D 270 37.59 35.19 -12.75
CA SER D 270 37.97 35.30 -11.35
C SER D 270 38.19 33.96 -10.67
N ILE D 271 37.73 32.86 -11.26
CA ILE D 271 37.86 31.56 -10.63
C ILE D 271 39.34 31.19 -10.53
N ASN D 272 39.71 30.65 -9.36
CA ASN D 272 41.09 30.29 -9.09
C ASN D 272 41.40 28.91 -9.64
N ASN D 273 42.69 28.64 -9.83
CA ASN D 273 43.12 27.37 -10.38
C ASN D 273 42.96 26.25 -9.36
N LEU D 274 42.86 25.02 -9.86
CA LEU D 274 42.63 23.86 -9.03
C LEU D 274 43.78 22.85 -9.09
N ASP D 275 44.86 23.15 -9.80
CA ASP D 275 45.94 22.18 -9.95
C ASP D 275 46.60 21.85 -8.61
N ASP D 276 46.83 22.87 -7.78
CA ASP D 276 47.48 22.66 -6.49
C ASP D 276 46.48 22.20 -5.44
N LYS D 277 45.52 23.06 -5.11
CA LYS D 277 44.50 22.77 -4.11
C LYS D 277 43.12 22.90 -4.75
N SER D 278 42.17 22.15 -4.22
CA SER D 278 40.81 22.13 -4.75
C SER D 278 39.86 23.04 -3.98
N SER D 279 40.34 23.72 -2.94
CA SER D 279 39.48 24.52 -2.07
C SER D 279 39.61 26.02 -2.31
N LEU D 280 40.26 26.43 -3.40
CA LEU D 280 40.45 27.85 -3.66
C LEU D 280 39.21 28.54 -4.20
N ASN D 281 38.12 27.81 -4.42
CA ASN D 281 36.87 28.42 -4.82
C ASN D 281 35.71 28.09 -3.90
N ASP D 282 35.94 27.30 -2.85
CA ASP D 282 34.91 27.09 -1.84
C ASP D 282 34.38 28.43 -1.36
N PHE D 283 33.10 28.48 -1.02
CA PHE D 283 32.48 29.73 -0.64
C PHE D 283 31.47 29.50 0.48
N VAL D 284 31.34 30.51 1.34
CA VAL D 284 30.36 30.54 2.42
C VAL D 284 29.58 31.82 2.26
N VAL D 285 28.31 31.71 1.91
CA VAL D 285 27.50 32.89 1.61
C VAL D 285 26.20 32.83 2.40
N PRO D 286 25.66 33.96 2.82
CA PRO D 286 24.34 33.96 3.47
C PRO D 286 23.24 33.91 2.43
N PHE D 287 22.03 33.59 2.90
CA PHE D 287 20.85 33.70 2.05
C PHE D 287 19.65 34.03 2.92
N SER D 288 18.65 34.63 2.30
CA SER D 288 17.42 35.01 2.98
C SER D 288 16.29 35.00 1.97
N VAL D 289 15.22 34.27 2.30
CA VAL D 289 14.02 34.23 1.47
C VAL D 289 12.83 34.53 2.36
N ARG D 290 11.73 34.90 1.71
CA ARG D 290 10.47 35.15 2.40
C ARG D 290 9.45 34.10 1.99
N ALA D 291 8.82 33.48 2.98
CA ALA D 291 7.78 32.51 2.69
C ALA D 291 6.68 33.17 1.87
N THR D 292 6.27 32.50 0.80
CA THR D 292 5.17 33.00 -0.01
C THR D 292 3.81 32.66 0.58
N LYS D 293 3.77 31.84 1.62
CA LYS D 293 2.53 31.42 2.25
C LYS D 293 2.89 30.70 3.55
N ASP D 294 1.88 30.50 4.40
CA ASP D 294 2.06 29.61 5.54
C ASP D 294 2.52 28.25 5.04
N THR D 295 3.67 27.80 5.51
CA THR D 295 4.27 26.57 5.01
C THR D 295 5.22 26.02 6.06
N THR D 296 5.80 24.86 5.75
CA THR D 296 6.85 24.26 6.56
C THR D 296 7.95 23.80 5.61
N VAL D 297 9.09 24.46 5.66
CA VAL D 297 10.19 24.14 4.75
C VAL D 297 10.98 22.98 5.33
N ASN D 298 11.06 21.89 4.57
CA ASN D 298 11.89 20.75 4.95
C ASN D 298 12.93 20.41 3.89
N PHE D 299 13.04 21.22 2.84
CA PHE D 299 14.07 21.05 1.83
C PHE D 299 14.56 22.42 1.39
N LEU D 300 15.85 22.52 1.12
CA LEU D 300 16.43 23.67 0.45
C LEU D 300 16.88 23.25 -0.93
N THR D 301 16.54 24.05 -1.94
CA THR D 301 16.81 23.72 -3.33
C THR D 301 17.70 24.80 -3.94
N PHE D 302 18.59 24.38 -4.84
CA PHE D 302 19.60 25.26 -5.42
C PHE D 302 19.50 25.22 -6.93
N TYR D 303 19.32 26.38 -7.54
CA TYR D 303 19.25 26.53 -8.99
C TYR D 303 20.47 27.27 -9.49
N ILE D 304 20.90 26.93 -10.71
CA ILE D 304 22.10 27.50 -11.31
C ILE D 304 21.70 28.27 -12.56
N ASP D 305 22.28 29.45 -12.72
CA ASP D 305 22.11 30.25 -13.93
C ASP D 305 23.48 30.57 -14.52
N ALA D 306 23.47 30.99 -15.78
CA ALA D 306 24.69 31.39 -16.46
C ALA D 306 24.46 32.69 -17.21
N ARG D 307 25.53 33.45 -17.40
CA ARG D 307 25.46 34.73 -18.07
C ARG D 307 26.71 34.92 -18.92
N PHE D 308 26.53 35.52 -20.09
CA PHE D 308 27.63 35.89 -20.97
C PHE D 308 27.47 37.35 -21.37
N THR D 309 28.47 38.16 -21.02
CA THR D 309 28.48 39.58 -21.36
C THR D 309 29.79 39.88 -22.08
N ASN D 310 29.70 40.22 -23.37
CA ASN D 310 30.88 40.51 -24.17
C ASN D 310 31.04 42.02 -24.31
N PRO D 311 32.08 42.63 -23.74
CA PRO D 311 32.24 44.08 -23.91
C PRO D 311 32.45 44.49 -25.36
N HIS D 312 33.14 43.68 -26.15
CA HIS D 312 33.40 44.05 -27.55
C HIS D 312 32.12 44.01 -28.37
N ASP D 313 31.25 43.04 -28.10
CA ASP D 313 29.99 42.87 -28.84
C ASP D 313 28.87 42.79 -27.80
N PRO D 314 28.43 43.94 -27.27
CA PRO D 314 27.41 43.90 -26.21
C PRO D 314 26.10 43.29 -26.64
N GLY D 315 25.77 43.35 -27.93
CA GLY D 315 24.50 42.82 -28.40
C GLY D 315 24.39 41.31 -28.34
N ALA D 316 25.51 40.61 -28.34
CA ALA D 316 25.52 39.16 -28.34
C ALA D 316 25.41 38.55 -26.94
N ASN D 317 25.21 39.38 -25.92
CA ASN D 317 25.09 38.86 -24.56
C ASN D 317 23.86 37.97 -24.45
N PHE D 318 23.85 37.14 -23.40
CA PHE D 318 22.70 36.29 -23.12
C PHE D 318 22.72 35.92 -21.65
N VAL D 319 21.62 35.31 -21.21
CA VAL D 319 21.47 34.83 -19.84
C VAL D 319 20.71 33.52 -19.89
N LEU D 320 21.34 32.45 -19.39
CA LEU D 320 20.64 31.19 -19.16
C LEU D 320 19.99 31.29 -17.78
N GLY D 321 18.86 31.96 -17.75
CA GLY D 321 18.20 32.31 -16.50
C GLY D 321 17.65 31.09 -15.79
N VAL D 322 16.97 31.38 -14.68
CA VAL D 322 16.44 30.36 -13.77
C VAL D 322 15.01 30.71 -13.42
N ARG D 323 14.18 29.70 -13.24
CA ARG D 323 12.80 29.88 -12.80
C ARG D 323 12.36 28.64 -12.04
N PRO D 324 12.51 28.65 -10.71
CA PRO D 324 12.06 27.51 -9.91
C PRO D 324 10.65 27.06 -10.30
N GLY D 325 10.45 25.75 -10.34
CA GLY D 325 9.19 25.18 -10.76
C GLY D 325 9.02 25.03 -12.25
N GLY D 326 9.88 25.66 -13.05
CA GLY D 326 9.78 25.57 -14.51
C GLY D 326 11.03 25.02 -15.15
N THR D 327 11.11 25.10 -16.48
CA THR D 327 12.28 24.62 -17.19
C THR D 327 13.50 25.47 -16.82
N ASN D 328 14.66 24.81 -16.75
CA ASN D 328 15.89 25.47 -16.37
C ASN D 328 17.03 24.84 -17.14
N PRO D 329 18.17 25.54 -17.27
CA PRO D 329 19.29 24.97 -18.01
C PRO D 329 19.95 23.79 -17.30
N TRP D 330 19.76 23.67 -15.98
CA TRP D 330 20.27 22.53 -15.23
C TRP D 330 19.21 22.08 -14.24
N THR D 331 19.24 20.80 -13.91
CA THR D 331 18.33 20.26 -12.92
C THR D 331 18.79 20.68 -11.53
N GLU D 332 17.90 21.35 -10.80
CA GLU D 332 18.23 21.81 -9.46
C GLU D 332 18.60 20.65 -8.56
N THR D 333 19.30 20.97 -7.47
CA THR D 333 19.63 20.01 -6.42
C THR D 333 18.94 20.44 -5.14
N SER D 334 18.69 19.47 -4.25
CA SER D 334 17.97 19.72 -3.02
C SER D 334 18.64 19.00 -1.86
N VAL D 335 18.51 19.57 -0.67
CA VAL D 335 19.03 18.99 0.56
C VAL D 335 17.90 18.91 1.57
N ALA D 336 17.81 17.79 2.28
CA ALA D 336 16.75 17.55 3.24
C ALA D 336 17.13 18.14 4.58
N LEU D 337 16.37 19.15 5.03
CA LEU D 337 16.58 19.70 6.36
C LEU D 337 16.21 18.67 7.41
N HIS D 338 17.07 18.53 8.42
CA HIS D 338 16.87 17.52 9.44
C HIS D 338 15.71 17.86 10.39
N GLU D 339 15.35 19.14 10.48
CA GLU D 339 14.20 19.56 11.29
C GLU D 339 13.38 20.52 10.45
N PRO D 340 12.10 20.24 10.19
CA PRO D 340 11.31 21.15 9.36
C PRO D 340 11.22 22.54 9.98
N LEU D 341 11.08 23.54 9.13
CA LEU D 341 11.07 24.94 9.53
C LEU D 341 9.70 25.54 9.24
N PRO D 342 8.77 25.56 10.21
CA PRO D 342 7.45 26.15 9.95
C PRO D 342 7.56 27.67 9.84
N LEU D 343 6.92 28.22 8.81
CA LEU D 343 6.96 29.65 8.53
C LEU D 343 5.55 30.15 8.25
N LYS D 344 5.26 31.35 8.75
CA LYS D 344 4.05 32.05 8.32
C LYS D 344 4.34 32.78 7.02
N GLY D 345 3.28 33.00 6.24
CA GLY D 345 3.40 33.78 5.02
C GLY D 345 4.17 35.06 5.26
N GLY D 346 5.16 35.33 4.41
CA GLY D 346 5.98 36.52 4.54
C GLY D 346 7.11 36.41 5.53
N GLU D 347 7.13 35.38 6.38
CA GLU D 347 8.22 35.22 7.32
C GLU D 347 9.53 35.00 6.57
N VAL D 348 10.63 35.45 7.18
CA VAL D 348 11.94 35.34 6.57
C VAL D 348 12.58 34.03 7.01
N LEU D 349 12.96 33.21 6.04
CA LEU D 349 13.83 32.05 6.25
C LEU D 349 15.24 32.49 5.90
N SER D 350 16.09 32.67 6.90
CA SER D 350 17.47 33.04 6.71
C SER D 350 18.37 31.83 6.92
N GLY D 351 19.60 31.94 6.43
CA GLY D 351 20.53 30.83 6.57
C GLY D 351 21.85 31.11 5.92
N GLU D 352 22.68 30.08 5.89
CA GLU D 352 24.04 30.17 5.38
C GLU D 352 24.34 28.93 4.55
N LEU D 353 25.04 29.12 3.44
CA LEU D 353 25.39 28.03 2.52
C LEU D 353 26.90 27.97 2.39
N LYS D 354 27.46 26.79 2.67
CA LYS D 354 28.90 26.55 2.57
C LYS D 354 29.13 25.41 1.59
N VAL D 355 29.91 25.68 0.54
CA VAL D 355 30.17 24.71 -0.51
C VAL D 355 31.68 24.47 -0.56
N CYS D 356 32.08 23.20 -0.61
CA CYS D 356 33.50 22.85 -0.62
C CYS D 356 33.75 21.76 -1.64
N LEU D 357 34.72 21.99 -2.52
CA LEU D 357 35.11 21.02 -3.53
C LEU D 357 36.26 20.18 -3.01
N LEU D 358 36.03 18.86 -2.93
CA LEU D 358 37.03 17.92 -2.45
C LEU D 358 37.82 17.27 -3.57
N ASN D 359 37.17 16.96 -4.69
CA ASN D 359 37.81 16.24 -5.79
C ASN D 359 37.33 16.84 -7.10
N PRO D 360 38.13 17.70 -7.74
CA PRO D 360 37.67 18.34 -8.97
C PRO D 360 37.33 17.35 -10.08
N THR D 361 38.14 16.31 -10.26
CA THR D 361 37.93 15.40 -11.37
C THR D 361 36.61 14.64 -11.23
N ARG D 362 36.24 14.28 -10.00
CA ARG D 362 35.00 13.56 -9.75
C ARG D 362 33.89 14.46 -9.22
N GLY D 363 34.12 15.76 -9.10
CA GLY D 363 33.08 16.66 -8.63
C GLY D 363 32.59 16.37 -7.24
N ILE D 364 33.39 15.70 -6.42
CA ILE D 364 32.99 15.41 -5.04
C ILE D 364 32.87 16.72 -4.27
N THR D 365 31.71 16.94 -3.66
CA THR D 365 31.42 18.21 -3.00
C THR D 365 30.72 17.94 -1.68
N THR D 366 30.98 18.80 -0.71
CA THR D 366 30.24 18.84 0.55
C THR D 366 29.47 20.15 0.62
N VAL D 367 28.22 20.07 1.03
CA VAL D 367 27.32 21.22 1.08
C VAL D 367 26.75 21.29 2.49
N GLU D 368 27.18 22.30 3.24
CA GLU D 368 26.70 22.54 4.60
C GLU D 368 25.72 23.71 4.55
N VAL D 369 24.55 23.53 5.16
CA VAL D 369 23.52 24.55 5.19
C VAL D 369 23.09 24.76 6.64
N THR D 370 22.97 26.03 7.03
CA THR D 370 22.25 26.41 8.23
C THR D 370 21.02 27.18 7.78
N ALA D 371 19.87 26.87 8.38
CA ALA D 371 18.61 27.50 8.00
C ALA D 371 17.76 27.67 9.25
N ARG D 372 17.15 28.84 9.38
CA ARG D 372 16.38 29.18 10.57
C ARG D 372 15.14 29.95 10.17
N THR D 373 14.13 29.90 11.03
CA THR D 373 12.94 30.71 10.88
C THR D 373 13.16 32.07 11.54
N SER D 374 12.10 32.89 11.56
CA SER D 374 12.10 34.15 12.28
C SER D 374 11.27 34.08 13.55
N GLY D 375 10.76 32.90 13.91
CA GLY D 375 10.05 32.70 15.15
C GLY D 375 8.56 32.93 15.10
N ASN D 376 8.02 33.41 13.98
CA ASN D 376 6.60 33.74 13.93
C ASN D 376 5.74 32.53 14.31
N VAL D 377 6.16 31.33 13.91
CA VAL D 377 5.54 30.10 14.36
C VAL D 377 6.29 29.48 15.53
N VAL D 378 7.60 29.28 15.36
CA VAL D 378 8.45 28.76 16.42
C VAL D 378 9.90 28.96 15.99
N ASN D 379 10.76 29.37 16.92
CA ASN D 379 12.17 29.57 16.62
C ASN D 379 12.85 28.22 16.47
N ILE D 380 13.21 27.87 15.24
CA ILE D 380 13.93 26.65 14.95
C ILE D 380 15.10 26.98 14.03
N GLU D 381 16.26 26.42 14.34
CA GLU D 381 17.42 26.46 13.46
C GLU D 381 17.87 25.03 13.22
N THR D 382 18.15 24.70 11.97
CA THR D 382 18.58 23.36 11.59
C THR D 382 19.83 23.45 10.74
N LYS D 383 20.76 22.53 10.95
CA LYS D 383 22.00 22.46 10.20
C LYS D 383 22.15 21.07 9.61
N GLY D 384 22.82 20.98 8.47
CA GLY D 384 23.01 19.71 7.81
C GLY D 384 24.15 19.72 6.81
N THR D 385 24.93 18.64 6.78
CA THR D 385 25.97 18.44 5.78
C THR D 385 25.48 17.41 4.77
N TYR D 386 25.72 17.68 3.49
CA TYR D 386 25.23 16.83 2.42
C TYR D 386 26.34 16.60 1.40
N ASN D 387 26.28 15.45 0.74
CA ASN D 387 27.32 15.00 -0.17
C ASN D 387 26.80 14.98 -1.60
N TYR D 388 27.62 15.47 -2.53
CA TYR D 388 27.33 15.41 -3.95
C TYR D 388 28.54 14.86 -4.69
N GLN D 389 28.27 14.06 -5.72
CA GLN D 389 29.32 13.54 -6.58
C GLN D 389 28.89 13.62 -8.04
N ARG D 390 29.84 13.90 -8.92
CA ARG D 390 29.59 13.89 -10.35
C ARG D 390 29.89 12.53 -10.96
N TYR D 391 31.06 11.97 -10.66
CA TYR D 391 31.47 10.67 -11.17
C TYR D 391 31.84 9.73 -10.03
#